data_4RWQ
#
_entry.id   4RWQ
#
_cell.length_a   79.840
_cell.length_b   145.080
_cell.length_c   80.140
_cell.angle_alpha   90.00
_cell.angle_beta   106.40
_cell.angle_gamma   90.00
#
_symmetry.space_group_name_H-M   'C 1 2 1'
#
loop_
_entity.id
_entity.type
_entity.pdbx_description
1 polymer "2'-5'-oligoadenylate synthase 1"
2 water water
#
_entity_poly.entity_id   1
_entity_poly.type   'polypeptide(L)'
_entity_poly.pdbx_seq_one_letter_code
;MELRHTPARDLDKFIEDHLLPNTCFRTQVKEAIDIVCRFLKERCFQGTADPVRVSKVVKGGSSGKGTTLRGRSDADLVVF
LTKLTSFEDQLRRRGEFIQEIRRQLEACQREQKFKVTFEVQSPRRENPRALSFVLSSPQLQQEVEFDVLPAFDALGQWTP
GYKPNPEIYVQLIKECKSRGKEGEFSTCFTELQRDFLRNRPTKLKSLIRLVKHWYQTCKKTHGNKLPPQYALELLTVYAW
EQGSRKTDFSTAQGFQTVLELVLKHQKLCIFWEAYYDFTNPVVGRCMLQQLKKPRPVILDPADPTGNVGGGDTHSWQRLA
QEARVWLGYPCCKNLDGSLVGAWTMLQKIGSHHHHHH
;
_entity_poly.pdbx_strand_id   A,B
#
# COMPACT_ATOMS: atom_id res chain seq x y z
N MET A 1 -22.61 16.36 -27.98
CA MET A 1 -23.08 15.87 -29.27
C MET A 1 -22.66 14.43 -29.51
N GLU A 2 -22.46 14.07 -30.78
CA GLU A 2 -22.05 12.72 -31.15
C GLU A 2 -20.68 12.40 -30.56
N LEU A 3 -19.81 13.41 -30.58
CA LEU A 3 -18.48 13.37 -30.00
C LEU A 3 -17.43 12.90 -31.00
N ARG A 4 -17.87 12.40 -32.14
CA ARG A 4 -16.96 12.13 -33.23
C ARG A 4 -16.42 13.50 -33.64
N HIS A 5 -17.33 14.46 -33.67
CA HIS A 5 -17.02 15.83 -34.07
C HIS A 5 -16.69 16.74 -32.88
N THR A 6 -16.85 16.22 -31.67
CA THR A 6 -16.57 17.01 -30.49
C THR A 6 -15.10 17.39 -30.47
N PRO A 7 -14.80 18.68 -30.52
CA PRO A 7 -13.41 19.11 -30.68
C PRO A 7 -12.55 18.78 -29.46
N ALA A 8 -11.25 19.06 -29.55
CA ALA A 8 -10.33 18.79 -28.46
C ALA A 8 -10.12 20.00 -27.54
N ARG A 9 -10.63 21.15 -27.97
CA ARG A 9 -10.49 22.38 -27.20
C ARG A 9 -11.20 22.33 -25.86
N ASP A 10 -12.39 21.74 -25.83
CA ASP A 10 -13.13 21.63 -24.58
C ASP A 10 -13.05 20.24 -24.00
N LEU A 11 -13.65 19.28 -24.70
CA LEU A 11 -13.52 17.88 -24.33
C LEU A 11 -14.25 17.58 -23.02
N ASP A 12 -13.85 18.28 -21.97
CA ASP A 12 -14.40 18.04 -20.64
C ASP A 12 -15.89 18.34 -20.60
N LYS A 13 -16.30 19.43 -21.23
CA LYS A 13 -17.71 19.81 -21.19
C LYS A 13 -18.59 18.67 -21.70
N PHE A 14 -18.02 17.82 -22.54
CA PHE A 14 -18.73 16.65 -23.04
C PHE A 14 -18.79 15.56 -21.97
N ILE A 15 -17.68 15.38 -21.26
CA ILE A 15 -17.60 14.38 -20.19
C ILE A 15 -18.51 14.75 -19.04
N GLU A 16 -18.51 16.04 -18.68
CA GLU A 16 -19.32 16.53 -17.57
C GLU A 16 -20.81 16.40 -17.84
N ASP A 17 -21.19 16.44 -19.11
CA ASP A 17 -22.60 16.38 -19.49
C ASP A 17 -23.09 14.95 -19.71
N HIS A 18 -22.64 14.34 -20.81
CA HIS A 18 -23.14 13.03 -21.21
C HIS A 18 -22.53 11.85 -20.44
N LEU A 19 -21.23 11.92 -20.21
CA LEU A 19 -20.50 10.78 -19.64
C LEU A 19 -20.69 10.63 -18.14
N LEU A 20 -20.74 11.76 -17.43
CA LEU A 20 -20.86 11.74 -15.97
C LEU A 20 -22.15 11.06 -15.51
N PRO A 21 -22.01 10.06 -14.64
CA PRO A 21 -23.16 9.30 -14.12
C PRO A 21 -24.06 10.15 -13.24
N ASN A 22 -25.32 9.72 -13.08
CA ASN A 22 -26.26 10.43 -12.24
C ASN A 22 -25.88 10.29 -10.78
N THR A 23 -25.69 11.42 -10.10
CA THR A 23 -25.26 11.43 -8.71
C THR A 23 -26.33 10.82 -7.80
N CYS A 24 -27.59 11.10 -8.13
CA CYS A 24 -28.71 10.60 -7.34
C CYS A 24 -28.89 9.10 -7.52
N PHE A 25 -28.69 8.62 -8.75
CA PHE A 25 -28.87 7.21 -9.06
C PHE A 25 -27.79 6.35 -8.42
N ARG A 26 -26.56 6.87 -8.37
CA ARG A 26 -25.46 6.15 -7.75
C ARG A 26 -25.74 5.91 -6.27
N THR A 27 -26.13 6.97 -5.57
CA THR A 27 -26.44 6.90 -4.14
C THR A 27 -27.51 5.86 -3.85
N GLN A 28 -28.53 5.82 -4.71
CA GLN A 28 -29.61 4.85 -4.56
C GLN A 28 -29.12 3.42 -4.76
N VAL A 29 -28.23 3.24 -5.74
CA VAL A 29 -27.67 1.92 -6.04
C VAL A 29 -26.76 1.44 -4.91
N LYS A 30 -25.87 2.31 -4.46
CA LYS A 30 -24.95 1.98 -3.37
C LYS A 30 -25.70 1.53 -2.11
N GLU A 31 -26.84 2.15 -1.85
CA GLU A 31 -27.67 1.77 -0.72
C GLU A 31 -28.34 0.42 -0.96
N ALA A 32 -28.81 0.22 -2.19
CA ALA A 32 -29.46 -1.04 -2.57
C ALA A 32 -28.50 -2.21 -2.45
N ILE A 33 -27.24 -1.98 -2.80
CA ILE A 33 -26.21 -3.01 -2.68
C ILE A 33 -25.97 -3.34 -1.21
N ASP A 34 -25.95 -2.31 -0.37
CA ASP A 34 -25.75 -2.49 1.06
C ASP A 34 -26.88 -3.30 1.69
N ILE A 35 -28.10 -3.13 1.17
CA ILE A 35 -29.23 -3.90 1.62
C ILE A 35 -29.07 -5.36 1.21
N VAL A 36 -28.68 -5.58 -0.04
CA VAL A 36 -28.49 -6.92 -0.58
C VAL A 36 -27.31 -7.62 0.09
N CYS A 37 -26.19 -6.90 0.20
CA CYS A 37 -24.99 -7.45 0.84
C CYS A 37 -25.27 -7.89 2.26
N ARG A 38 -26.03 -7.08 2.99
CA ARG A 38 -26.37 -7.39 4.37
C ARG A 38 -27.42 -8.51 4.43
N PHE A 39 -28.18 -8.64 3.33
CA PHE A 39 -29.20 -9.67 3.22
C PHE A 39 -28.59 -11.03 2.92
N LEU A 40 -27.66 -11.06 1.96
CA LEU A 40 -27.07 -12.30 1.51
C LEU A 40 -26.21 -12.97 2.59
N LYS A 41 -25.53 -12.15 3.39
CA LYS A 41 -24.68 -12.68 4.45
C LYS A 41 -25.49 -13.43 5.51
N GLU A 42 -26.64 -12.87 5.87
CA GLU A 42 -27.51 -13.48 6.85
C GLU A 42 -28.35 -14.64 6.31
N ARG A 43 -29.07 -14.35 5.24
CA ARG A 43 -29.96 -15.33 4.65
C ARG A 43 -29.29 -16.55 4.04
N CYS A 44 -28.19 -16.36 3.33
CA CYS A 44 -27.66 -17.43 2.50
C CYS A 44 -27.26 -18.58 3.38
N PHE A 45 -27.68 -19.78 2.99
CA PHE A 45 -27.43 -20.95 3.77
C PHE A 45 -28.01 -20.67 5.15
N GLN A 46 -27.23 -20.94 6.20
CA GLN A 46 -27.65 -20.61 7.54
C GLN A 46 -28.44 -21.81 7.99
N GLY A 47 -28.40 -22.13 9.28
CA GLY A 47 -29.13 -23.28 9.78
C GLY A 47 -28.69 -24.49 8.95
N THR A 48 -27.43 -24.46 8.55
CA THR A 48 -26.92 -25.41 7.58
C THR A 48 -25.65 -26.06 8.08
N ALA A 49 -25.48 -27.31 7.70
CA ALA A 49 -24.31 -28.06 8.10
C ALA A 49 -23.06 -27.40 7.55
N ASP A 50 -23.15 -26.87 6.33
CA ASP A 50 -21.92 -26.50 5.64
C ASP A 50 -21.47 -25.11 6.08
N PRO A 51 -20.24 -25.00 6.61
CA PRO A 51 -19.65 -23.75 7.11
C PRO A 51 -19.53 -22.64 6.06
N VAL A 52 -19.65 -23.00 4.77
CA VAL A 52 -19.56 -22.01 3.70
C VAL A 52 -20.63 -20.93 3.84
N ARG A 53 -20.19 -19.67 3.85
CA ARG A 53 -21.09 -18.54 4.04
C ARG A 53 -20.63 -17.34 3.21
N VAL A 54 -21.52 -16.38 3.00
CA VAL A 54 -21.15 -15.17 2.27
C VAL A 54 -20.43 -14.20 3.21
N SER A 55 -19.18 -13.91 2.90
CA SER A 55 -18.39 -12.99 3.71
C SER A 55 -18.66 -11.52 3.38
N LYS A 56 -18.70 -11.21 2.08
CA LYS A 56 -18.86 -9.83 1.64
C LYS A 56 -19.37 -9.76 0.19
N VAL A 57 -19.88 -8.59 -0.18
CA VAL A 57 -20.34 -8.35 -1.54
C VAL A 57 -19.74 -7.06 -2.09
N VAL A 58 -19.03 -7.16 -3.20
CA VAL A 58 -18.32 -6.02 -3.78
C VAL A 58 -18.75 -5.77 -5.22
N LYS A 59 -18.90 -4.49 -5.58
CA LYS A 59 -19.17 -4.12 -6.97
C LYS A 59 -17.89 -4.16 -7.79
N GLY A 60 -17.97 -4.75 -8.97
CA GLY A 60 -16.82 -4.87 -9.85
C GLY A 60 -16.78 -3.80 -10.93
N GLY A 61 -16.23 -4.16 -12.09
CA GLY A 61 -16.14 -3.23 -13.21
C GLY A 61 -17.49 -2.90 -13.80
N SER A 62 -17.59 -1.72 -14.39
CA SER A 62 -18.84 -1.26 -14.99
C SER A 62 -18.58 -0.53 -16.30
N SER A 63 -19.45 -0.74 -17.28
CA SER A 63 -19.34 -0.10 -18.58
C SER A 63 -20.68 0.43 -19.07
N GLY A 64 -20.73 1.74 -19.35
CA GLY A 64 -21.93 2.35 -19.87
C GLY A 64 -22.24 1.87 -21.28
N LYS A 65 -23.44 1.35 -21.47
CA LYS A 65 -23.85 0.84 -22.78
C LYS A 65 -24.62 1.91 -23.55
N GLY A 66 -24.13 2.24 -24.73
CA GLY A 66 -24.75 3.25 -25.57
C GLY A 66 -26.11 2.85 -26.08
N THR A 67 -27.11 3.68 -25.81
CA THR A 67 -28.46 3.49 -26.33
C THR A 67 -28.90 4.77 -27.02
N THR A 68 -29.11 5.83 -26.22
CA THR A 68 -29.26 7.17 -26.77
C THR A 68 -27.88 7.80 -26.86
N LEU A 69 -27.32 8.11 -25.69
CA LEU A 69 -25.89 8.39 -25.56
C LEU A 69 -25.37 7.49 -24.45
N ARG A 70 -25.75 7.80 -23.21
CA ARG A 70 -25.68 6.82 -22.13
C ARG A 70 -27.08 6.64 -21.53
N GLY A 71 -27.69 5.50 -21.83
CA GLY A 71 -28.97 5.15 -21.25
C GLY A 71 -28.92 4.06 -20.20
N ARG A 72 -27.81 3.32 -20.18
CA ARG A 72 -27.71 2.12 -19.37
C ARG A 72 -26.25 1.74 -19.10
N SER A 73 -26.04 0.87 -18.11
CA SER A 73 -24.71 0.39 -17.79
C SER A 73 -24.75 -1.05 -17.32
N ASP A 74 -23.69 -1.80 -17.60
CA ASP A 74 -23.57 -3.19 -17.14
C ASP A 74 -22.43 -3.31 -16.14
N ALA A 75 -22.75 -3.84 -14.95
CA ALA A 75 -21.75 -3.99 -13.91
C ALA A 75 -21.68 -5.42 -13.38
N ASP A 76 -20.57 -5.75 -12.74
CA ASP A 76 -20.37 -7.08 -12.16
C ASP A 76 -20.41 -7.02 -10.64
N LEU A 77 -21.22 -7.88 -10.04
CA LEU A 77 -21.29 -7.95 -8.58
C LEU A 77 -20.75 -9.28 -8.09
N VAL A 78 -19.59 -9.26 -7.44
CA VAL A 78 -18.95 -10.49 -6.99
C VAL A 78 -19.33 -10.82 -5.55
N VAL A 79 -19.92 -12.00 -5.37
CA VAL A 79 -20.29 -12.48 -4.04
C VAL A 79 -19.21 -13.42 -3.49
N PHE A 80 -18.59 -13.01 -2.38
CA PHE A 80 -17.50 -13.77 -1.79
C PHE A 80 -18.00 -14.82 -0.80
N LEU A 81 -17.52 -16.06 -0.97
CA LEU A 81 -17.87 -17.14 -0.07
C LEU A 81 -16.64 -17.64 0.68
N THR A 82 -16.85 -18.22 1.85
CA THR A 82 -15.75 -18.69 2.67
C THR A 82 -15.75 -20.21 2.84
N LYS A 83 -14.77 -20.71 3.58
CA LYS A 83 -14.65 -22.13 3.89
C LYS A 83 -14.54 -23.01 2.65
N LEU A 84 -13.96 -22.47 1.59
CA LEU A 84 -13.67 -23.25 0.39
C LEU A 84 -12.21 -23.68 0.41
N THR A 85 -11.94 -24.89 -0.08
CA THR A 85 -10.59 -25.44 -0.04
C THR A 85 -9.67 -24.79 -1.06
N SER A 86 -10.15 -24.63 -2.28
CA SER A 86 -9.31 -24.11 -3.37
C SER A 86 -10.06 -23.12 -4.26
N PHE A 87 -9.29 -22.42 -5.09
CA PHE A 87 -9.85 -21.46 -6.04
C PHE A 87 -10.75 -22.15 -7.06
N GLU A 88 -10.45 -23.40 -7.37
CA GLU A 88 -11.18 -24.16 -8.38
C GLU A 88 -12.62 -24.43 -7.93
N ASP A 89 -12.86 -24.39 -6.62
CA ASP A 89 -14.17 -24.67 -6.07
C ASP A 89 -15.23 -23.67 -6.55
N GLN A 90 -14.82 -22.42 -6.76
CA GLN A 90 -15.76 -21.39 -7.20
C GLN A 90 -16.21 -21.65 -8.63
N LEU A 91 -15.40 -22.40 -9.38
CA LEU A 91 -15.74 -22.77 -10.75
C LEU A 91 -16.68 -23.98 -10.79
N ARG A 92 -16.39 -24.96 -9.93
CA ARG A 92 -17.15 -26.22 -9.93
C ARG A 92 -18.48 -26.07 -9.18
N ARG A 93 -18.45 -25.37 -8.05
CA ARG A 93 -19.63 -25.22 -7.21
C ARG A 93 -20.43 -23.98 -7.61
N ARG A 94 -20.00 -23.35 -8.70
CA ARG A 94 -20.65 -22.14 -9.22
C ARG A 94 -22.16 -22.30 -9.37
N GLY A 95 -22.59 -23.43 -9.93
CA GLY A 95 -24.01 -23.70 -10.11
C GLY A 95 -24.73 -23.89 -8.80
N GLU A 96 -24.00 -24.42 -7.80
CA GLU A 96 -24.55 -24.61 -6.46
C GLU A 96 -24.77 -23.26 -5.78
N PHE A 97 -23.83 -22.35 -5.99
CA PHE A 97 -23.91 -21.02 -5.38
C PHE A 97 -24.89 -20.13 -6.14
N ILE A 98 -25.01 -20.36 -7.44
CA ILE A 98 -25.92 -19.58 -8.28
C ILE A 98 -27.36 -19.76 -7.81
N GLN A 99 -27.68 -20.96 -7.33
CA GLN A 99 -29.05 -21.28 -6.91
C GLN A 99 -29.36 -20.68 -5.54
N GLU A 100 -28.39 -20.75 -4.63
CA GLU A 100 -28.59 -20.25 -3.27
C GLU A 100 -28.69 -18.72 -3.26
N ILE A 101 -27.86 -18.07 -4.07
CA ILE A 101 -27.91 -16.62 -4.20
C ILE A 101 -29.21 -16.17 -4.83
N ARG A 102 -29.59 -16.82 -5.93
CA ARG A 102 -30.82 -16.49 -6.65
C ARG A 102 -32.05 -16.68 -5.78
N ARG A 103 -32.01 -17.69 -4.93
CA ARG A 103 -33.12 -17.98 -4.05
C ARG A 103 -33.36 -16.86 -3.06
N GLN A 104 -32.32 -16.33 -2.44
CA GLN A 104 -32.44 -15.25 -1.47
C GLN A 104 -32.61 -13.89 -2.14
N LEU A 105 -32.06 -13.74 -3.34
CA LEU A 105 -32.22 -12.51 -4.10
C LEU A 105 -33.68 -12.26 -4.44
N GLU A 106 -34.38 -13.33 -4.80
CA GLU A 106 -35.81 -13.26 -5.06
C GLU A 106 -36.57 -12.98 -3.78
N ALA A 107 -36.11 -13.59 -2.69
CA ALA A 107 -36.72 -13.38 -1.38
C ALA A 107 -36.45 -11.96 -0.88
N CYS A 108 -35.30 -11.41 -1.25
CA CYS A 108 -34.94 -10.05 -0.88
C CYS A 108 -35.83 -9.05 -1.60
N GLN A 109 -36.21 -9.37 -2.82
CA GLN A 109 -37.07 -8.50 -3.63
C GLN A 109 -38.45 -8.39 -2.99
N ARG A 110 -38.94 -9.49 -2.42
CA ARG A 110 -40.23 -9.51 -1.77
C ARG A 110 -40.21 -8.88 -0.38
N GLU A 111 -39.22 -9.25 0.43
CA GLU A 111 -39.16 -8.82 1.83
C GLU A 111 -38.62 -7.41 2.01
N GLN A 112 -37.56 -7.07 1.30
CA GLN A 112 -36.91 -5.77 1.47
C GLN A 112 -37.48 -4.70 0.55
N LYS A 113 -37.64 -3.49 1.08
CA LYS A 113 -38.12 -2.35 0.31
C LYS A 113 -36.94 -1.55 -0.23
N PHE A 114 -37.03 -1.18 -1.50
CA PHE A 114 -35.95 -0.45 -2.16
C PHE A 114 -36.43 0.87 -2.75
N LYS A 115 -35.51 1.82 -2.88
CA LYS A 115 -35.82 3.11 -3.48
C LYS A 115 -35.93 2.97 -5.00
N VAL A 116 -34.99 2.23 -5.58
CA VAL A 116 -35.05 1.92 -7.00
C VAL A 116 -35.94 0.69 -7.22
N THR A 117 -36.09 0.29 -8.48
CA THR A 117 -36.88 -0.89 -8.80
C THR A 117 -36.00 -2.12 -8.86
N PHE A 118 -36.18 -3.03 -7.91
CA PHE A 118 -35.40 -4.26 -7.85
C PHE A 118 -35.96 -5.27 -8.84
N GLU A 119 -35.12 -5.71 -9.78
CA GLU A 119 -35.56 -6.58 -10.85
C GLU A 119 -34.72 -7.84 -10.93
N VAL A 120 -35.31 -8.99 -10.63
CA VAL A 120 -34.62 -10.26 -10.75
C VAL A 120 -34.94 -10.90 -12.10
N GLN A 121 -33.92 -11.02 -12.94
CA GLN A 121 -34.11 -11.52 -14.30
C GLN A 121 -34.52 -12.99 -14.32
N SER A 122 -35.27 -13.35 -15.37
CA SER A 122 -35.62 -14.74 -15.62
C SER A 122 -34.36 -15.50 -16.00
N PRO A 123 -34.41 -16.84 -16.00
CA PRO A 123 -33.22 -17.59 -16.42
C PRO A 123 -32.72 -17.14 -17.79
N ARG A 124 -31.44 -16.81 -17.86
CA ARG A 124 -30.86 -16.14 -19.02
C ARG A 124 -30.56 -17.10 -20.15
N ARG A 125 -30.84 -16.67 -21.37
CA ARG A 125 -30.68 -17.50 -22.56
C ARG A 125 -29.53 -17.00 -23.44
N GLU A 126 -28.97 -17.90 -24.23
CA GLU A 126 -27.79 -17.61 -25.04
C GLU A 126 -26.53 -17.71 -24.18
N ASN A 127 -26.72 -18.22 -22.97
CA ASN A 127 -25.65 -18.46 -22.01
C ASN A 127 -25.84 -19.82 -21.35
N PRO A 128 -24.77 -20.42 -20.83
CA PRO A 128 -24.83 -21.77 -20.27
C PRO A 128 -25.78 -21.89 -19.07
N ARG A 129 -25.73 -20.91 -18.17
CA ARG A 129 -26.63 -20.84 -17.02
C ARG A 129 -27.02 -19.39 -16.76
N ALA A 130 -26.05 -18.60 -16.31
CA ALA A 130 -26.21 -17.16 -16.21
C ALA A 130 -27.20 -16.74 -15.13
N LEU A 131 -27.01 -15.53 -14.62
CA LEU A 131 -27.94 -14.91 -13.70
C LEU A 131 -27.72 -13.40 -13.73
N SER A 132 -28.70 -12.62 -13.31
CA SER A 132 -28.48 -11.19 -13.13
C SER A 132 -29.67 -10.51 -12.48
N PHE A 133 -29.44 -9.33 -11.92
CA PHE A 133 -30.54 -8.51 -11.39
C PHE A 133 -30.37 -7.07 -11.83
N VAL A 134 -31.48 -6.42 -12.17
CA VAL A 134 -31.46 -5.07 -12.74
C VAL A 134 -31.97 -4.03 -11.73
N LEU A 135 -31.22 -2.94 -11.60
CA LEU A 135 -31.65 -1.81 -10.79
C LEU A 135 -31.96 -0.61 -11.68
N SER A 136 -33.23 -0.24 -11.76
CA SER A 136 -33.64 0.85 -12.63
C SER A 136 -34.52 1.87 -11.90
N SER A 137 -34.35 3.15 -12.27
CA SER A 137 -35.16 4.23 -11.74
C SER A 137 -35.80 5.01 -12.88
N PRO A 138 -37.02 4.63 -13.28
CA PRO A 138 -37.74 5.18 -14.43
C PRO A 138 -37.88 6.70 -14.40
N GLN A 139 -37.83 7.30 -13.21
CA GLN A 139 -37.89 8.75 -13.08
C GLN A 139 -36.70 9.41 -13.76
N LEU A 140 -35.51 8.88 -13.49
CA LEU A 140 -34.28 9.39 -14.08
C LEU A 140 -33.93 8.62 -15.35
N GLN A 141 -34.73 7.61 -15.66
CA GLN A 141 -34.52 6.75 -16.82
C GLN A 141 -33.14 6.10 -16.81
N GLN A 142 -32.60 5.89 -15.61
CA GLN A 142 -31.31 5.24 -15.45
C GLN A 142 -31.49 3.76 -15.15
N GLU A 143 -30.63 2.93 -15.75
CA GLU A 143 -30.75 1.48 -15.58
C GLU A 143 -29.37 0.81 -15.51
N VAL A 144 -29.25 -0.16 -14.62
CA VAL A 144 -28.01 -0.92 -14.50
C VAL A 144 -28.30 -2.39 -14.19
N GLU A 145 -27.61 -3.29 -14.88
CA GLU A 145 -27.79 -4.72 -14.67
C GLU A 145 -26.53 -5.35 -14.07
N PHE A 146 -26.67 -5.92 -12.89
CA PHE A 146 -25.54 -6.52 -12.19
C PHE A 146 -25.47 -8.02 -12.44
N ASP A 147 -24.32 -8.48 -12.93
CA ASP A 147 -24.08 -9.90 -13.11
C ASP A 147 -23.39 -10.46 -11.87
N VAL A 148 -24.07 -11.38 -11.19
CA VAL A 148 -23.54 -11.96 -9.96
C VAL A 148 -22.49 -13.02 -10.26
N LEU A 149 -21.29 -12.81 -9.73
CA LEU A 149 -20.17 -13.72 -9.97
C LEU A 149 -19.60 -14.24 -8.66
N PRO A 150 -20.11 -15.39 -8.20
CA PRO A 150 -19.63 -16.03 -6.97
C PRO A 150 -18.14 -16.34 -7.02
N ALA A 151 -17.43 -16.05 -5.94
CA ALA A 151 -15.99 -16.28 -5.88
C ALA A 151 -15.54 -16.59 -4.46
N PHE A 152 -14.52 -17.44 -4.34
CA PHE A 152 -13.91 -17.73 -3.06
C PHE A 152 -13.24 -16.49 -2.52
N ASP A 153 -13.23 -16.33 -1.20
CA ASP A 153 -12.59 -15.16 -0.60
C ASP A 153 -11.14 -15.50 -0.27
N ALA A 154 -10.23 -14.95 -1.06
CA ALA A 154 -8.80 -15.18 -0.86
C ALA A 154 -8.22 -14.25 0.18
N LEU A 155 -8.62 -12.98 0.11
CA LEU A 155 -8.05 -11.94 0.94
C LEU A 155 -8.58 -11.99 2.36
N GLY A 156 -9.76 -12.58 2.53
CA GLY A 156 -10.40 -12.62 3.84
C GLY A 156 -10.76 -11.22 4.28
N GLN A 157 -10.25 -10.82 5.44
CA GLN A 157 -10.44 -9.45 5.92
C GLN A 157 -9.27 -8.60 5.45
N TRP A 158 -9.54 -7.67 4.54
CA TRP A 158 -8.49 -6.84 3.96
C TRP A 158 -8.89 -5.38 3.90
N THR A 159 -7.96 -4.51 4.31
CA THR A 159 -8.17 -3.07 4.26
C THR A 159 -7.07 -2.41 3.44
N PRO A 160 -7.41 -1.32 2.73
CA PRO A 160 -6.43 -0.57 1.94
C PRO A 160 -5.22 -0.12 2.77
N GLY A 161 -4.04 -0.14 2.17
CA GLY A 161 -2.82 0.19 2.88
C GLY A 161 -2.07 -1.05 3.32
N TYR A 162 -2.74 -2.19 3.19
CA TYR A 162 -2.15 -3.47 3.56
C TYR A 162 -1.91 -4.34 2.34
N LYS A 163 -0.66 -4.68 2.09
CA LYS A 163 -0.30 -5.56 0.97
C LYS A 163 -0.70 -6.99 1.30
N PRO A 164 -1.50 -7.62 0.41
CA PRO A 164 -2.03 -8.98 0.61
C PRO A 164 -0.92 -9.99 0.89
N ASN A 165 -1.26 -11.02 1.67
CA ASN A 165 -0.32 -12.08 2.01
C ASN A 165 0.19 -12.78 0.76
N PRO A 166 1.52 -12.77 0.55
CA PRO A 166 2.16 -13.43 -0.59
C PRO A 166 1.80 -14.91 -0.67
N GLU A 167 1.51 -15.53 0.47
CA GLU A 167 1.09 -16.93 0.51
C GLU A 167 -0.17 -17.17 -0.30
N ILE A 168 -1.04 -16.16 -0.34
CA ILE A 168 -2.29 -16.25 -1.09
C ILE A 168 -2.02 -16.35 -2.59
N TYR A 169 -1.08 -15.53 -3.06
CA TYR A 169 -0.69 -15.54 -4.46
C TYR A 169 0.06 -16.82 -4.82
N VAL A 170 0.77 -17.37 -3.85
CA VAL A 170 1.48 -18.62 -4.03
C VAL A 170 0.51 -19.75 -4.35
N GLN A 171 -0.57 -19.84 -3.57
CA GLN A 171 -1.61 -20.84 -3.80
C GLN A 171 -2.28 -20.64 -5.15
N LEU A 172 -2.46 -19.38 -5.54
CA LEU A 172 -3.09 -19.03 -6.80
C LEU A 172 -2.26 -19.50 -7.98
N ILE A 173 -0.97 -19.18 -7.95
CA ILE A 173 -0.05 -19.51 -9.03
C ILE A 173 0.14 -21.03 -9.18
N LYS A 174 0.38 -21.70 -8.06
CA LYS A 174 0.57 -23.15 -8.06
C LYS A 174 -0.64 -23.88 -8.61
N GLU A 175 -1.83 -23.38 -8.30
CA GLU A 175 -3.07 -24.00 -8.76
C GLU A 175 -3.37 -23.64 -10.21
N CYS A 176 -3.02 -22.41 -10.60
CA CYS A 176 -3.21 -21.97 -11.98
C CYS A 176 -2.20 -22.62 -12.92
N LYS A 177 -1.06 -23.04 -12.36
CA LYS A 177 -0.02 -23.67 -13.16
C LYS A 177 -0.34 -25.13 -13.44
N SER A 178 -0.82 -25.84 -12.42
CA SER A 178 -1.14 -27.26 -12.56
C SER A 178 -2.42 -27.48 -13.35
N ARG A 179 -3.48 -26.77 -12.96
CA ARG A 179 -4.79 -26.94 -13.59
C ARG A 179 -4.92 -26.16 -14.89
N GLY A 180 -3.95 -25.28 -15.15
CA GLY A 180 -4.01 -24.41 -16.31
C GLY A 180 -4.99 -23.28 -16.07
N LYS A 181 -5.48 -22.69 -17.15
CA LYS A 181 -6.50 -21.64 -17.09
C LYS A 181 -6.05 -20.44 -16.24
N GLU A 182 -5.09 -19.69 -16.75
CA GLU A 182 -4.54 -18.54 -16.02
C GLU A 182 -5.48 -17.35 -16.06
N GLY A 183 -5.76 -16.79 -14.89
CA GLY A 183 -6.48 -15.52 -14.79
C GLY A 183 -7.99 -15.63 -14.66
N GLU A 184 -8.50 -16.83 -14.39
CA GLU A 184 -9.93 -17.02 -14.21
C GLU A 184 -10.40 -16.63 -12.81
N PHE A 185 -9.44 -16.56 -11.88
CA PHE A 185 -9.74 -16.32 -10.48
C PHE A 185 -9.62 -14.85 -10.09
N SER A 186 -9.42 -13.99 -11.09
CA SER A 186 -9.28 -12.55 -10.87
C SER A 186 -10.45 -11.94 -10.10
N THR A 187 -11.61 -12.58 -10.17
CA THR A 187 -12.82 -12.09 -9.50
C THR A 187 -12.66 -12.01 -7.98
N CYS A 188 -11.81 -12.88 -7.43
CA CYS A 188 -11.57 -12.90 -5.99
C CYS A 188 -10.81 -11.67 -5.53
N PHE A 189 -10.03 -11.11 -6.45
CA PHE A 189 -9.17 -9.97 -6.15
C PHE A 189 -9.82 -8.63 -6.51
N THR A 190 -11.10 -8.68 -6.87
CA THR A 190 -11.85 -7.50 -7.31
C THR A 190 -11.71 -6.30 -6.38
N GLU A 191 -11.58 -6.56 -5.08
CA GLU A 191 -11.37 -5.50 -4.09
C GLU A 191 -10.13 -4.66 -4.42
N LEU A 192 -9.08 -5.33 -4.89
CA LEU A 192 -7.84 -4.64 -5.22
C LEU A 192 -7.96 -3.90 -6.55
N GLN A 193 -8.80 -4.42 -7.45
CA GLN A 193 -9.03 -3.79 -8.74
C GLN A 193 -9.76 -2.46 -8.58
N ARG A 194 -10.76 -2.45 -7.71
CA ARG A 194 -11.52 -1.23 -7.44
C ARG A 194 -10.67 -0.22 -6.69
N ASP A 195 -9.95 -0.69 -5.68
CA ASP A 195 -9.08 0.17 -4.88
C ASP A 195 -7.99 0.81 -5.73
N PHE A 196 -7.62 0.13 -6.82
CA PHE A 196 -6.60 0.63 -7.72
C PHE A 196 -7.11 1.86 -8.49
N LEU A 197 -8.35 1.79 -8.96
CA LEU A 197 -8.92 2.87 -9.75
C LEU A 197 -9.76 3.87 -8.96
N ARG A 198 -9.97 3.61 -7.68
CA ARG A 198 -10.80 4.48 -6.85
C ARG A 198 -10.02 5.68 -6.31
N ASN A 199 -8.75 5.46 -5.97
CA ASN A 199 -7.94 6.49 -5.32
C ASN A 199 -7.35 7.49 -6.30
N ARG A 200 -7.61 7.28 -7.58
CA ARG A 200 -7.10 8.16 -8.63
C ARG A 200 -7.76 9.54 -8.57
N PRO A 201 -7.03 10.59 -9.01
CA PRO A 201 -7.56 11.95 -9.07
C PRO A 201 -8.82 12.06 -9.92
N THR A 202 -9.64 13.08 -9.64
CA THR A 202 -10.91 13.27 -10.34
C THR A 202 -10.73 13.42 -11.85
N LYS A 203 -9.72 14.18 -12.25
CA LYS A 203 -9.46 14.42 -13.66
C LYS A 203 -9.06 13.15 -14.40
N LEU A 204 -8.34 12.27 -13.70
CA LEU A 204 -7.92 11.00 -14.30
C LEU A 204 -9.09 10.04 -14.43
N LYS A 205 -9.93 9.97 -13.39
CA LYS A 205 -11.09 9.09 -13.40
C LYS A 205 -12.10 9.53 -14.45
N SER A 206 -12.13 10.84 -14.73
CA SER A 206 -12.99 11.37 -15.78
C SER A 206 -12.41 11.01 -17.14
N LEU A 207 -11.09 10.97 -17.23
CA LEU A 207 -10.41 10.57 -18.46
C LEU A 207 -10.66 9.10 -18.76
N ILE A 208 -10.64 8.28 -17.71
CA ILE A 208 -10.89 6.85 -17.85
C ILE A 208 -12.29 6.60 -18.39
N ARG A 209 -13.27 7.32 -17.85
CA ARG A 209 -14.66 7.19 -18.31
C ARG A 209 -14.80 7.61 -19.77
N LEU A 210 -13.94 8.51 -20.22
CA LEU A 210 -13.91 8.92 -21.62
C LEU A 210 -13.39 7.78 -22.48
N VAL A 211 -12.37 7.09 -21.98
CA VAL A 211 -11.80 5.94 -22.67
C VAL A 211 -12.77 4.76 -22.62
N LYS A 212 -13.52 4.67 -21.53
CA LYS A 212 -14.52 3.61 -21.38
C LYS A 212 -15.58 3.69 -22.46
N HIS A 213 -16.06 4.88 -22.75
CA HIS A 213 -17.11 5.07 -23.75
C HIS A 213 -16.56 4.85 -25.16
N TRP A 214 -15.31 5.23 -25.37
CA TRP A 214 -14.64 5.02 -26.66
C TRP A 214 -14.61 3.54 -27.01
N TYR A 215 -14.39 2.72 -25.99
CA TYR A 215 -14.33 1.27 -26.16
C TYR A 215 -15.69 0.69 -26.53
N GLN A 216 -16.74 1.23 -25.92
CA GLN A 216 -18.10 0.74 -26.16
C GLN A 216 -18.60 1.12 -27.55
N THR A 217 -18.14 2.26 -28.05
CA THR A 217 -18.51 2.71 -29.38
C THR A 217 -17.93 1.80 -30.45
N CYS A 218 -16.72 1.29 -30.19
CA CYS A 218 -16.07 0.38 -31.11
C CYS A 218 -16.50 -1.06 -30.89
N LYS A 219 -17.14 -1.33 -29.75
CA LYS A 219 -17.55 -2.68 -29.39
C LYS A 219 -18.83 -3.08 -30.13
N LYS A 220 -19.60 -2.08 -30.55
CA LYS A 220 -20.82 -2.34 -31.31
C LYS A 220 -20.50 -2.46 -32.80
N THR A 221 -19.21 -2.34 -33.13
CA THR A 221 -18.75 -2.45 -34.51
C THR A 221 -18.06 -3.80 -34.74
N HIS A 222 -16.93 -4.00 -34.08
CA HIS A 222 -16.15 -5.22 -34.24
C HIS A 222 -16.67 -6.38 -33.40
N GLY A 223 -17.55 -6.09 -32.45
CA GLY A 223 -18.08 -7.11 -31.57
C GLY A 223 -17.16 -7.42 -30.41
N ASN A 224 -17.10 -8.69 -30.02
CA ASN A 224 -16.28 -9.12 -28.89
C ASN A 224 -14.82 -9.35 -29.27
N LYS A 225 -14.50 -9.13 -30.54
CA LYS A 225 -13.15 -9.35 -31.06
C LYS A 225 -12.10 -8.52 -30.33
N LEU A 226 -12.43 -7.28 -29.99
CA LEU A 226 -11.47 -6.43 -29.33
C LEU A 226 -11.14 -6.90 -27.92
N PRO A 227 -10.03 -6.41 -27.39
CA PRO A 227 -9.58 -6.80 -26.04
C PRO A 227 -10.52 -6.33 -24.94
N PRO A 228 -10.44 -6.95 -23.75
CA PRO A 228 -11.27 -6.56 -22.60
C PRO A 228 -11.13 -5.08 -22.25
N GLN A 229 -12.19 -4.50 -21.67
CA GLN A 229 -12.21 -3.08 -21.34
C GLN A 229 -11.20 -2.75 -20.24
N TYR A 230 -10.93 -3.73 -19.39
CA TYR A 230 -10.00 -3.56 -18.26
C TYR A 230 -8.61 -3.16 -18.76
N ALA A 231 -8.26 -3.61 -19.95
CA ALA A 231 -6.95 -3.30 -20.55
C ALA A 231 -6.82 -1.82 -20.84
N LEU A 232 -7.89 -1.21 -21.36
CA LEU A 232 -7.89 0.20 -21.72
C LEU A 232 -7.87 1.08 -20.47
N GLU A 233 -8.50 0.61 -19.41
CA GLU A 233 -8.52 1.34 -18.15
C GLU A 233 -7.14 1.40 -17.52
N LEU A 234 -6.46 0.26 -17.47
CA LEU A 234 -5.11 0.18 -16.91
C LEU A 234 -4.11 0.93 -17.79
N LEU A 235 -4.38 0.97 -19.09
CA LEU A 235 -3.50 1.66 -20.03
C LEU A 235 -3.59 3.17 -19.83
N THR A 236 -4.78 3.65 -19.49
CA THR A 236 -5.00 5.06 -19.22
C THR A 236 -4.25 5.48 -17.95
N VAL A 237 -4.26 4.60 -16.95
CA VAL A 237 -3.53 4.84 -15.71
C VAL A 237 -2.03 4.91 -16.00
N TYR A 238 -1.56 4.00 -16.84
CA TYR A 238 -0.14 3.96 -17.21
C TYR A 238 0.28 5.24 -17.93
N ALA A 239 -0.61 5.76 -18.77
CA ALA A 239 -0.34 6.99 -19.51
C ALA A 239 -0.18 8.18 -18.57
N TRP A 240 -0.95 8.19 -17.49
CA TRP A 240 -0.90 9.26 -16.51
C TRP A 240 0.30 9.11 -15.57
N GLU A 241 0.59 7.87 -15.18
CA GLU A 241 1.67 7.59 -14.24
C GLU A 241 3.04 7.86 -14.86
N GLN A 242 3.12 7.82 -16.18
CA GLN A 242 4.40 8.02 -16.87
C GLN A 242 4.49 9.41 -17.49
N GLY A 243 5.35 10.25 -16.92
CA GLY A 243 5.69 11.53 -17.52
C GLY A 243 4.83 12.72 -17.12
N SER A 244 3.63 12.48 -16.61
CA SER A 244 2.74 13.57 -16.24
C SER A 244 2.73 13.79 -14.73
N ARG A 245 2.08 12.88 -14.00
CA ARG A 245 2.00 12.95 -12.55
C ARG A 245 1.44 14.28 -12.05
N LYS A 246 0.51 14.86 -12.79
CA LYS A 246 -0.07 16.14 -12.44
C LYS A 246 -1.52 16.01 -12.01
N THR A 247 -1.92 16.79 -11.01
CA THR A 247 -3.29 16.79 -10.52
C THR A 247 -4.23 17.39 -11.56
N ASP A 248 -3.81 18.51 -12.15
CA ASP A 248 -4.57 19.16 -13.21
C ASP A 248 -3.84 19.05 -14.54
N PHE A 249 -4.54 18.52 -15.55
CA PHE A 249 -3.96 18.35 -16.87
C PHE A 249 -5.01 18.52 -17.96
N SER A 250 -4.59 18.36 -19.21
CA SER A 250 -5.51 18.47 -20.34
C SER A 250 -6.01 17.10 -20.77
N THR A 251 -7.32 16.98 -20.97
CA THR A 251 -7.93 15.73 -21.37
C THR A 251 -7.53 15.36 -22.80
N ALA A 252 -7.34 16.38 -23.64
CA ALA A 252 -6.94 16.17 -25.03
C ALA A 252 -5.53 15.58 -25.11
N GLN A 253 -4.67 15.99 -24.19
CA GLN A 253 -3.31 15.47 -24.12
C GLN A 253 -3.31 13.99 -23.73
N GLY A 254 -4.11 13.66 -22.72
CA GLY A 254 -4.20 12.30 -22.23
C GLY A 254 -4.85 11.35 -23.20
N PHE A 255 -5.93 11.80 -23.84
CA PHE A 255 -6.65 10.98 -24.81
C PHE A 255 -5.79 10.68 -26.02
N GLN A 256 -4.92 11.62 -26.37
CA GLN A 256 -3.97 11.44 -27.46
C GLN A 256 -2.89 10.44 -27.07
N THR A 257 -2.45 10.52 -25.82
CA THR A 257 -1.41 9.64 -25.30
C THR A 257 -1.88 8.19 -25.26
N VAL A 258 -3.16 7.99 -24.92
CA VAL A 258 -3.73 6.65 -24.83
C VAL A 258 -3.86 6.01 -26.21
N LEU A 259 -4.33 6.79 -27.18
CA LEU A 259 -4.56 6.28 -28.53
C LEU A 259 -3.26 5.89 -29.23
N GLU A 260 -2.18 6.60 -28.95
CA GLU A 260 -0.90 6.30 -29.59
C GLU A 260 -0.28 5.04 -28.98
N LEU A 261 -0.73 4.67 -27.78
CA LEU A 261 -0.24 3.46 -27.12
C LEU A 261 -0.90 2.23 -27.72
N VAL A 262 -2.11 2.39 -28.24
CA VAL A 262 -2.83 1.29 -28.87
C VAL A 262 -2.09 0.81 -30.11
N LEU A 263 -1.46 1.74 -30.81
CA LEU A 263 -0.68 1.42 -31.99
C LEU A 263 0.69 0.85 -31.61
N LYS A 264 1.12 1.17 -30.40
CA LYS A 264 2.40 0.71 -29.87
C LYS A 264 2.29 -0.62 -29.14
N HIS A 265 1.11 -1.23 -29.21
CA HIS A 265 0.79 -2.44 -28.46
C HIS A 265 1.86 -3.52 -28.52
N GLN A 266 2.47 -3.72 -29.69
CA GLN A 266 3.53 -4.71 -29.86
C GLN A 266 4.76 -4.36 -29.03
N LYS A 267 4.91 -3.08 -28.69
CA LYS A 267 6.05 -2.62 -27.92
C LYS A 267 5.72 -2.52 -26.42
N LEU A 268 4.48 -2.79 -26.07
CA LEU A 268 4.00 -2.54 -24.71
C LEU A 268 4.15 -3.70 -23.74
N CYS A 269 4.95 -3.48 -22.71
CA CYS A 269 5.05 -4.42 -21.59
C CYS A 269 4.82 -3.65 -20.29
N ILE A 270 3.71 -3.94 -19.61
CA ILE A 270 3.29 -3.16 -18.45
C ILE A 270 2.88 -4.05 -17.27
N PHE A 271 3.40 -3.73 -16.08
CA PHE A 271 3.04 -4.46 -14.88
C PHE A 271 3.09 -3.55 -13.65
N TRP A 272 2.31 -3.90 -12.63
CA TRP A 272 2.27 -3.10 -11.40
C TRP A 272 2.66 -3.92 -10.17
N GLU A 273 3.54 -3.35 -9.35
CA GLU A 273 4.01 -3.99 -8.14
C GLU A 273 3.20 -3.58 -6.92
N ALA A 274 2.09 -2.88 -7.16
CA ALA A 274 1.21 -2.42 -6.09
C ALA A 274 0.86 -3.50 -5.07
N TYR A 275 0.12 -4.53 -5.50
CA TYR A 275 -0.38 -5.53 -4.57
C TYR A 275 0.48 -6.79 -4.44
N TYR A 276 1.54 -6.88 -5.24
CA TYR A 276 2.51 -7.97 -5.09
C TYR A 276 3.89 -7.54 -5.58
N ASP A 277 4.89 -8.40 -5.45
CA ASP A 277 6.23 -8.06 -5.94
C ASP A 277 7.16 -9.24 -6.07
N PHE A 278 8.46 -8.95 -6.16
CA PHE A 278 9.48 -9.97 -6.39
C PHE A 278 10.09 -10.49 -5.09
N THR A 279 9.59 -10.00 -3.96
CA THR A 279 10.08 -10.43 -2.66
C THR A 279 9.88 -11.93 -2.47
N ASN A 280 8.76 -12.44 -2.99
CA ASN A 280 8.48 -13.87 -2.95
C ASN A 280 8.98 -14.55 -4.23
N PRO A 281 9.79 -15.61 -4.07
CA PRO A 281 10.41 -16.34 -5.18
C PRO A 281 9.39 -16.91 -6.16
N VAL A 282 8.32 -17.53 -5.64
CA VAL A 282 7.30 -18.13 -6.47
C VAL A 282 6.56 -17.08 -7.30
N VAL A 283 6.19 -15.98 -6.65
CA VAL A 283 5.48 -14.89 -7.31
C VAL A 283 6.38 -14.21 -8.34
N GLY A 284 7.65 -14.06 -8.00
CA GLY A 284 8.61 -13.41 -8.87
C GLY A 284 8.77 -14.10 -10.22
N ARG A 285 8.95 -15.42 -10.20
CA ARG A 285 9.12 -16.18 -11.43
C ARG A 285 7.89 -16.10 -12.32
N CYS A 286 6.72 -16.32 -11.74
CA CYS A 286 5.46 -16.25 -12.47
C CYS A 286 5.26 -14.87 -13.08
N MET A 287 5.73 -13.85 -12.37
CA MET A 287 5.63 -12.47 -12.84
C MET A 287 6.54 -12.25 -14.05
N LEU A 288 7.69 -12.91 -14.04
CA LEU A 288 8.63 -12.83 -15.16
C LEU A 288 8.14 -13.63 -16.36
N GLN A 289 7.36 -14.67 -16.10
CA GLN A 289 6.77 -15.50 -17.15
C GLN A 289 5.82 -14.68 -18.02
N GLN A 290 5.09 -13.77 -17.38
CA GLN A 290 4.11 -12.95 -18.08
C GLN A 290 4.76 -11.82 -18.87
N LEU A 291 5.89 -11.34 -18.38
CA LEU A 291 6.60 -10.23 -19.03
C LEU A 291 7.26 -10.67 -20.34
N LYS A 292 7.55 -11.96 -20.44
CA LYS A 292 8.20 -12.51 -21.62
C LYS A 292 7.18 -13.08 -22.60
N LYS A 293 5.90 -12.96 -22.25
CA LYS A 293 4.81 -13.37 -23.14
C LYS A 293 4.74 -12.44 -24.35
N PRO A 294 4.13 -12.92 -25.45
CA PRO A 294 3.96 -12.06 -26.63
C PRO A 294 3.16 -10.80 -26.34
N ARG A 295 3.69 -9.65 -26.78
CA ARG A 295 3.07 -8.36 -26.53
C ARG A 295 1.84 -8.15 -27.42
N PRO A 296 0.88 -7.31 -26.97
CA PRO A 296 0.88 -6.55 -25.72
C PRO A 296 0.59 -7.39 -24.48
N VAL A 297 1.24 -7.04 -23.38
CA VAL A 297 1.01 -7.71 -22.11
C VAL A 297 0.73 -6.68 -21.01
N ILE A 298 -0.50 -6.71 -20.50
CA ILE A 298 -0.87 -5.85 -19.38
C ILE A 298 -1.18 -6.72 -18.17
N LEU A 299 -0.30 -6.69 -17.17
CA LEU A 299 -0.44 -7.56 -16.01
C LEU A 299 -1.41 -6.97 -15.01
N ASP A 300 -2.45 -7.74 -14.68
CA ASP A 300 -3.45 -7.32 -13.71
C ASP A 300 -2.79 -7.07 -12.36
N PRO A 301 -2.92 -5.83 -11.86
CA PRO A 301 -2.35 -5.43 -10.57
C PRO A 301 -2.84 -6.31 -9.41
N ALA A 302 -4.07 -6.81 -9.52
CA ALA A 302 -4.64 -7.68 -8.51
C ALA A 302 -4.43 -9.17 -8.81
N ASP A 303 -4.00 -9.48 -10.02
CA ASP A 303 -3.85 -10.86 -10.46
C ASP A 303 -2.53 -11.12 -11.17
N PRO A 304 -1.51 -11.56 -10.43
CA PRO A 304 -0.17 -11.82 -10.99
C PRO A 304 -0.22 -12.84 -12.13
N THR A 305 -1.16 -13.77 -12.08
CA THR A 305 -1.33 -14.76 -13.15
C THR A 305 -2.08 -14.18 -14.34
N GLY A 306 -3.12 -13.41 -14.05
CA GLY A 306 -3.98 -12.87 -15.07
C GLY A 306 -3.33 -11.83 -15.96
N ASN A 307 -3.42 -12.03 -17.27
CA ASN A 307 -2.89 -11.08 -18.23
C ASN A 307 -4.02 -10.46 -19.06
N VAL A 308 -4.27 -9.18 -18.83
CA VAL A 308 -5.39 -8.49 -19.47
C VAL A 308 -5.02 -8.04 -20.88
N GLY A 309 -5.85 -8.41 -21.84
CA GLY A 309 -5.63 -8.05 -23.23
C GLY A 309 -4.70 -9.01 -23.95
N GLY A 310 -4.43 -10.14 -23.33
CA GLY A 310 -3.54 -11.14 -23.91
C GLY A 310 -4.27 -12.32 -24.50
N GLY A 311 -3.51 -13.17 -25.20
CA GLY A 311 -4.06 -14.37 -25.80
C GLY A 311 -4.44 -14.18 -27.26
N ASP A 312 -4.69 -12.93 -27.64
CA ASP A 312 -5.01 -12.60 -29.03
C ASP A 312 -4.29 -11.33 -29.46
N THR A 313 -3.44 -11.45 -30.47
CA THR A 313 -2.71 -10.30 -30.99
C THR A 313 -3.51 -9.61 -32.10
N HIS A 314 -4.55 -10.27 -32.58
CA HIS A 314 -5.39 -9.72 -33.62
C HIS A 314 -6.54 -8.91 -33.02
N SER A 315 -6.72 -9.04 -31.71
CA SER A 315 -7.70 -8.25 -30.99
C SER A 315 -7.27 -6.79 -30.95
N TRP A 316 -5.99 -6.58 -30.67
CA TRP A 316 -5.43 -5.24 -30.59
C TRP A 316 -5.22 -4.65 -31.98
N GLN A 317 -4.99 -5.52 -32.96
CA GLN A 317 -4.85 -5.08 -34.34
C GLN A 317 -6.16 -4.50 -34.85
N ARG A 318 -7.27 -5.18 -34.57
CA ARG A 318 -8.60 -4.69 -34.90
C ARG A 318 -8.87 -3.41 -34.13
N LEU A 319 -8.32 -3.31 -32.93
CA LEU A 319 -8.47 -2.14 -32.09
C LEU A 319 -7.60 -0.99 -32.58
N ALA A 320 -6.39 -1.32 -33.02
CA ALA A 320 -5.45 -0.32 -33.53
C ALA A 320 -5.92 0.26 -34.86
N GLN A 321 -6.64 -0.54 -35.63
CA GLN A 321 -7.20 -0.08 -36.90
C GLN A 321 -8.23 1.02 -36.67
N GLU A 322 -9.10 0.80 -35.68
CA GLU A 322 -10.13 1.79 -35.36
C GLU A 322 -9.54 2.94 -34.54
N ALA A 323 -8.45 2.66 -33.83
CA ALA A 323 -7.74 3.69 -33.09
C ALA A 323 -7.07 4.67 -34.04
N ARG A 324 -6.67 4.16 -35.21
CA ARG A 324 -6.08 4.98 -36.26
C ARG A 324 -7.13 5.90 -36.88
N VAL A 325 -8.35 5.38 -37.03
CA VAL A 325 -9.44 6.15 -37.62
C VAL A 325 -9.85 7.32 -36.72
N TRP A 326 -9.94 7.06 -35.42
CA TRP A 326 -10.33 8.10 -34.47
C TRP A 326 -9.28 9.18 -34.31
N LEU A 327 -8.06 8.91 -34.80
CA LEU A 327 -7.01 9.91 -34.79
C LEU A 327 -7.28 10.97 -35.86
N GLY A 328 -8.01 10.58 -36.90
CA GLY A 328 -8.37 11.49 -37.97
C GLY A 328 -9.61 12.30 -37.61
N TYR A 329 -10.28 11.91 -36.54
CA TYR A 329 -11.46 12.61 -36.06
C TYR A 329 -11.05 13.88 -35.31
N PRO A 330 -11.92 14.91 -35.34
CA PRO A 330 -11.65 16.19 -34.67
C PRO A 330 -11.47 16.07 -33.15
N CYS A 331 -11.84 14.92 -32.58
CA CYS A 331 -11.72 14.67 -31.16
C CYS A 331 -10.30 14.92 -30.63
N CYS A 332 -9.30 14.53 -31.42
CA CYS A 332 -7.92 14.72 -31.04
C CYS A 332 -7.32 16.00 -31.60
N LYS A 333 -8.09 16.70 -32.44
CA LYS A 333 -7.58 17.88 -33.14
C LYS A 333 -8.00 19.18 -32.46
N ASN A 334 -7.06 20.11 -32.34
CA ASN A 334 -7.33 21.41 -31.73
C ASN A 334 -7.78 22.45 -32.74
N LEU A 335 -7.82 23.71 -32.30
CA LEU A 335 -8.32 24.82 -33.12
C LEU A 335 -7.53 24.99 -34.43
N ASP A 336 -6.25 24.64 -34.41
CA ASP A 336 -5.42 24.77 -35.59
C ASP A 336 -5.78 23.72 -36.65
N GLY A 337 -6.35 22.61 -36.20
CA GLY A 337 -6.64 21.50 -37.08
C GLY A 337 -5.53 20.47 -37.02
N SER A 338 -4.52 20.75 -36.19
CA SER A 338 -3.41 19.84 -35.99
C SER A 338 -3.64 18.98 -34.76
N LEU A 339 -2.64 18.18 -34.40
CA LEU A 339 -2.75 17.30 -33.24
C LEU A 339 -2.38 18.04 -31.96
N VAL A 340 -3.12 17.75 -30.89
CA VAL A 340 -2.83 18.33 -29.58
C VAL A 340 -1.48 17.85 -29.07
N GLY A 341 -1.18 16.58 -29.32
CA GLY A 341 0.08 16.00 -28.90
C GLY A 341 -0.10 15.08 -27.71
N ALA A 342 0.83 14.15 -27.54
CA ALA A 342 0.78 13.22 -26.42
C ALA A 342 1.55 13.75 -25.23
N TRP A 343 1.71 12.92 -24.21
CA TRP A 343 2.44 13.30 -23.01
C TRP A 343 3.90 12.89 -23.08
N THR A 344 4.79 13.80 -22.73
CA THR A 344 6.21 13.50 -22.65
C THR A 344 6.44 12.47 -21.54
N MET A 345 7.14 11.39 -21.89
CA MET A 345 7.31 10.28 -20.96
C MET A 345 8.54 10.45 -20.07
N LEU A 346 9.19 11.61 -20.20
CA LEU A 346 10.37 11.92 -19.40
C LEU A 346 10.06 11.90 -17.90
N MET B 1 10.18 -12.11 35.91
CA MET B 1 10.80 -10.79 35.79
C MET B 1 12.32 -10.91 35.66
N GLU B 2 13.03 -9.81 35.88
CA GLU B 2 14.48 -9.85 36.02
C GLU B 2 15.30 -10.35 34.83
N LEU B 3 14.93 -9.91 33.64
CA LEU B 3 15.72 -10.19 32.43
C LEU B 3 15.82 -11.65 31.96
N ARG B 4 17.03 -12.15 31.82
CA ARG B 4 17.26 -13.34 31.02
C ARG B 4 16.54 -14.59 31.49
N HIS B 5 16.52 -14.83 32.78
CA HIS B 5 16.17 -16.16 33.27
C HIS B 5 14.74 -16.63 32.95
N THR B 6 13.85 -15.72 32.64
CA THR B 6 12.45 -16.11 32.49
C THR B 6 12.25 -17.16 31.38
N PRO B 7 11.38 -18.13 31.66
CA PRO B 7 11.12 -19.29 30.79
C PRO B 7 10.40 -18.91 29.49
N ALA B 8 10.45 -19.82 28.52
CA ALA B 8 9.85 -19.60 27.20
C ALA B 8 8.36 -19.28 27.28
N ARG B 9 7.63 -20.02 28.11
CA ARG B 9 6.20 -19.80 28.26
C ARG B 9 5.90 -18.58 29.12
N ASP B 10 6.88 -18.11 29.86
CA ASP B 10 6.72 -16.95 30.73
C ASP B 10 7.12 -15.66 30.03
N LEU B 11 7.45 -15.75 28.75
CA LEU B 11 7.81 -14.57 27.97
C LEU B 11 6.59 -13.67 27.76
N ASP B 12 5.41 -14.27 27.65
CA ASP B 12 4.18 -13.53 27.43
C ASP B 12 3.83 -12.61 28.60
N LYS B 13 4.05 -13.08 29.82
CA LYS B 13 3.88 -12.23 30.97
C LYS B 13 4.91 -11.12 30.93
N PHE B 14 6.11 -11.46 30.55
CA PHE B 14 7.25 -10.55 30.64
C PHE B 14 7.03 -9.34 29.74
N ILE B 15 6.23 -9.51 28.69
CA ILE B 15 5.90 -8.43 27.77
C ILE B 15 4.99 -7.41 28.45
N GLU B 16 4.02 -7.91 29.22
CA GLU B 16 3.01 -7.05 29.83
C GLU B 16 3.53 -6.33 31.08
N ASP B 17 4.32 -7.02 31.88
CA ASP B 17 4.78 -6.49 33.15
C ASP B 17 5.95 -5.52 33.01
N HIS B 18 6.66 -5.58 31.88
CA HIS B 18 7.85 -4.77 31.69
C HIS B 18 7.83 -3.97 30.39
N LEU B 19 7.94 -4.69 29.27
CA LEU B 19 8.17 -4.09 27.97
C LEU B 19 7.09 -3.12 27.52
N LEU B 20 5.84 -3.38 27.92
CA LEU B 20 4.73 -2.51 27.56
C LEU B 20 4.89 -1.13 28.20
N PRO B 21 4.93 -0.08 27.38
CA PRO B 21 5.10 1.29 27.86
C PRO B 21 3.88 1.75 28.66
N ASN B 22 4.05 2.80 29.46
CA ASN B 22 2.96 3.34 30.26
C ASN B 22 1.85 3.86 29.37
N THR B 23 0.63 3.38 29.61
CA THR B 23 -0.51 3.70 28.76
C THR B 23 -0.85 5.19 28.75
N CYS B 24 -1.02 5.76 29.94
CA CYS B 24 -1.47 7.13 30.05
C CYS B 24 -0.35 8.14 29.82
N PHE B 25 0.89 7.74 30.12
CA PHE B 25 2.04 8.62 29.89
C PHE B 25 2.28 8.82 28.40
N ARG B 26 1.90 7.82 27.61
CA ARG B 26 2.00 7.93 26.16
C ARG B 26 1.01 8.97 25.66
N THR B 27 -0.18 9.00 26.28
CA THR B 27 -1.21 9.96 25.90
C THR B 27 -0.78 11.39 26.25
N GLN B 28 -0.08 11.54 27.36
CA GLN B 28 0.37 12.85 27.82
C GLN B 28 1.42 13.45 26.88
N VAL B 29 2.34 12.61 26.40
CA VAL B 29 3.40 13.10 25.53
C VAL B 29 2.91 13.27 24.09
N LYS B 30 1.82 12.59 23.74
CA LYS B 30 1.22 12.77 22.41
C LYS B 30 0.59 14.15 22.33
N GLU B 31 -0.06 14.58 23.40
CA GLU B 31 -0.66 15.90 23.47
C GLU B 31 0.42 16.98 23.47
N ALA B 32 1.52 16.71 24.16
CA ALA B 32 2.65 17.64 24.20
C ALA B 32 3.26 17.84 22.82
N ILE B 33 3.29 16.76 22.03
CA ILE B 33 3.81 16.82 20.68
C ILE B 33 2.82 17.50 19.75
N ASP B 34 1.54 17.19 19.93
CA ASP B 34 0.48 17.80 19.12
C ASP B 34 0.43 19.32 19.31
N ILE B 35 0.73 19.77 20.52
CA ILE B 35 0.73 21.20 20.82
C ILE B 35 1.92 21.89 20.16
N VAL B 36 3.12 21.34 20.35
CA VAL B 36 4.33 21.95 19.81
C VAL B 36 4.36 21.85 18.29
N CYS B 37 3.76 20.80 17.74
CA CYS B 37 3.69 20.64 16.29
C CYS B 37 2.84 21.75 15.68
N ARG B 38 1.68 21.99 16.28
CA ARG B 38 0.79 23.05 15.84
C ARG B 38 1.41 24.42 16.14
N PHE B 39 2.29 24.45 17.14
CA PHE B 39 3.00 25.68 17.49
C PHE B 39 4.10 25.98 16.49
N LEU B 40 4.90 24.98 16.15
CA LEU B 40 6.03 25.17 15.26
C LEU B 40 5.59 25.48 13.83
N LYS B 41 4.45 24.93 13.42
CA LYS B 41 3.94 25.17 12.07
C LYS B 41 3.61 26.64 11.85
N GLU B 42 2.97 27.24 12.83
CA GLU B 42 2.56 28.64 12.74
C GLU B 42 3.69 29.63 13.04
N ARG B 43 4.38 29.40 14.16
CA ARG B 43 5.48 30.26 14.62
C ARG B 43 6.80 30.32 13.85
N CYS B 44 7.28 29.18 13.38
CA CYS B 44 8.60 29.12 12.74
C CYS B 44 8.63 29.90 11.42
N PHE B 45 9.56 30.84 11.31
CA PHE B 45 9.72 31.61 10.09
C PHE B 45 8.42 32.29 9.71
N GLN B 46 7.70 32.80 10.71
CA GLN B 46 6.40 33.41 10.48
C GLN B 46 6.49 34.74 9.75
N GLY B 47 7.25 35.67 10.32
CA GLY B 47 7.35 37.02 9.78
C GLY B 47 8.18 37.09 8.51
N THR B 48 9.33 36.42 8.52
CA THR B 48 10.24 36.41 7.38
C THR B 48 9.61 35.70 6.20
N ALA B 49 10.07 36.03 4.99
CA ALA B 49 9.75 35.17 3.86
C ALA B 49 11.00 34.35 3.56
N ASP B 50 10.96 33.08 3.93
CA ASP B 50 12.13 32.29 3.70
C ASP B 50 12.19 31.56 2.39
N PRO B 51 11.09 31.27 1.70
CA PRO B 51 9.69 31.04 2.10
C PRO B 51 9.38 29.60 2.51
N VAL B 52 10.09 29.06 3.50
CA VAL B 52 9.86 27.70 3.97
C VAL B 52 9.25 27.73 5.37
N ARG B 53 8.44 26.72 5.66
CA ARG B 53 7.75 26.63 6.94
C ARG B 53 7.83 25.19 7.45
N VAL B 54 7.41 24.98 8.70
CA VAL B 54 7.36 23.63 9.24
C VAL B 54 6.04 22.98 8.81
N SER B 55 6.14 21.92 8.01
CA SER B 55 4.95 21.22 7.54
C SER B 55 4.42 20.20 8.55
N LYS B 56 5.31 19.43 9.13
CA LYS B 56 4.93 18.31 9.99
C LYS B 56 5.93 18.08 11.11
N VAL B 57 5.48 17.42 12.16
CA VAL B 57 6.36 16.94 13.23
C VAL B 57 6.04 15.49 13.54
N VAL B 58 7.00 14.61 13.30
CA VAL B 58 6.80 13.18 13.46
C VAL B 58 7.86 12.56 14.37
N LYS B 59 7.43 11.78 15.35
CA LYS B 59 8.34 11.08 16.24
C LYS B 59 9.01 9.92 15.51
N GLY B 60 10.31 9.73 15.75
CA GLY B 60 11.05 8.66 15.09
C GLY B 60 11.13 7.40 15.93
N GLY B 61 12.23 6.66 15.77
CA GLY B 61 12.42 5.43 16.51
C GLY B 61 12.89 5.68 17.92
N SER B 62 12.49 4.81 18.84
CA SER B 62 12.85 4.96 20.25
C SER B 62 12.94 3.62 20.97
N SER B 63 13.84 3.54 21.95
CA SER B 63 13.93 2.37 22.81
C SER B 63 13.89 2.82 24.27
N GLY B 64 12.82 2.44 24.97
CA GLY B 64 12.60 2.92 26.33
C GLY B 64 12.93 1.91 27.41
N LYS B 65 12.61 2.28 28.65
CA LYS B 65 12.88 1.46 29.82
C LYS B 65 11.60 0.85 30.38
N GLY B 66 11.64 -0.44 30.66
CA GLY B 66 10.48 -1.22 31.04
C GLY B 66 10.17 -1.17 32.52
N THR B 67 10.98 -0.42 33.26
CA THR B 67 10.89 -0.36 34.72
C THR B 67 9.61 0.32 35.18
N THR B 68 8.89 0.97 34.27
CA THR B 68 7.78 1.83 34.66
C THR B 68 8.38 3.00 35.41
N LEU B 69 8.01 3.21 36.68
CA LEU B 69 8.55 4.37 37.38
C LEU B 69 10.07 4.25 37.34
N ARG B 70 10.74 5.36 37.06
CA ARG B 70 12.17 5.40 36.74
C ARG B 70 12.38 5.05 35.26
N GLY B 71 13.64 4.97 34.83
CA GLY B 71 13.95 4.63 33.46
C GLY B 71 13.85 5.80 32.50
N ARG B 72 14.14 5.53 31.23
CA ARG B 72 14.13 6.57 30.20
C ARG B 72 13.63 6.04 28.86
N SER B 73 13.15 6.95 28.02
CA SER B 73 12.68 6.63 26.67
C SER B 73 13.72 7.01 25.60
N ASP B 74 14.24 8.23 25.70
CA ASP B 74 15.22 8.75 24.75
C ASP B 74 14.77 8.58 23.30
N ALA B 75 13.76 9.35 22.90
CA ALA B 75 13.19 9.24 21.56
C ALA B 75 13.78 10.25 20.59
N ASP B 76 13.30 10.22 19.35
CA ASP B 76 13.72 11.15 18.32
C ASP B 76 12.53 11.91 17.74
N LEU B 77 12.73 13.19 17.45
CA LEU B 77 11.67 14.02 16.89
C LEU B 77 12.12 14.68 15.59
N VAL B 78 11.38 14.45 14.52
CA VAL B 78 11.75 14.97 13.21
C VAL B 78 10.88 16.16 12.81
N VAL B 79 11.52 17.29 12.54
CA VAL B 79 10.81 18.49 12.09
C VAL B 79 10.94 18.64 10.58
N PHE B 80 9.81 18.56 9.88
CA PHE B 80 9.81 18.63 8.42
C PHE B 80 9.69 20.06 7.91
N LEU B 81 10.45 20.36 6.86
CA LEU B 81 10.43 21.69 6.25
C LEU B 81 10.09 21.60 4.76
N THR B 82 9.41 22.62 4.24
CA THR B 82 9.00 22.62 2.84
C THR B 82 9.87 23.52 1.97
N LYS B 83 9.59 23.52 0.68
CA LYS B 83 10.23 24.41 -0.30
C LYS B 83 11.76 24.48 -0.18
N LEU B 84 12.40 23.31 -0.13
CA LEU B 84 13.86 23.24 -0.19
C LEU B 84 14.27 22.69 -1.55
N THR B 85 15.40 23.18 -2.07
CA THR B 85 15.82 22.85 -3.42
C THR B 85 16.50 21.48 -3.54
N SER B 86 17.00 20.95 -2.43
CA SER B 86 17.70 19.68 -2.45
C SER B 86 17.67 18.95 -1.11
N PHE B 87 17.97 17.65 -1.14
CA PHE B 87 18.01 16.83 0.06
C PHE B 87 19.18 17.21 0.96
N GLU B 88 20.25 17.73 0.35
CA GLU B 88 21.46 18.07 1.09
C GLU B 88 21.29 19.34 1.90
N ASP B 89 20.24 20.11 1.60
CA ASP B 89 19.98 21.35 2.31
C ASP B 89 19.70 21.12 3.80
N GLN B 90 19.16 19.96 4.13
CA GLN B 90 18.85 19.64 5.52
C GLN B 90 20.15 19.46 6.33
N LEU B 91 21.20 19.03 5.65
CA LEU B 91 22.50 18.85 6.29
C LEU B 91 23.26 20.17 6.39
N ARG B 92 23.19 20.96 5.32
CA ARG B 92 23.94 22.21 5.23
C ARG B 92 23.33 23.32 6.09
N ARG B 93 22.02 23.47 5.99
CA ARG B 93 21.30 24.52 6.70
C ARG B 93 20.85 24.06 8.08
N ARG B 94 21.28 22.86 8.47
CA ARG B 94 20.94 22.28 9.76
C ARG B 94 21.19 23.22 10.93
N GLY B 95 22.39 23.79 10.98
CA GLY B 95 22.76 24.71 12.04
C GLY B 95 21.87 25.94 12.08
N GLU B 96 21.38 26.34 10.91
CA GLU B 96 20.46 27.46 10.81
C GLU B 96 19.07 27.08 11.32
N PHE B 97 18.60 25.91 10.90
CA PHE B 97 17.29 25.41 11.31
C PHE B 97 17.27 25.02 12.79
N ILE B 98 18.41 24.52 13.27
CA ILE B 98 18.48 24.03 14.65
C ILE B 98 18.39 25.17 15.65
N GLN B 99 18.76 26.38 15.22
CA GLN B 99 18.67 27.56 16.07
C GLN B 99 17.26 28.12 16.08
N GLU B 100 16.61 28.11 14.92
CA GLU B 100 15.26 28.64 14.80
C GLU B 100 14.26 27.81 15.60
N ILE B 101 14.35 26.49 15.46
CA ILE B 101 13.49 25.57 16.21
C ILE B 101 13.72 25.73 17.71
N ARG B 102 14.98 25.83 18.09
CA ARG B 102 15.35 25.99 19.50
C ARG B 102 14.77 27.27 20.09
N ARG B 103 14.72 28.32 19.28
CA ARG B 103 14.14 29.59 19.71
C ARG B 103 12.65 29.46 20.01
N GLN B 104 11.94 28.76 19.13
CA GLN B 104 10.49 28.61 19.27
C GLN B 104 10.14 27.56 20.32
N LEU B 105 11.04 26.63 20.56
CA LEU B 105 10.85 25.62 21.61
C LEU B 105 10.87 26.29 22.99
N GLU B 106 11.82 27.20 23.18
CA GLU B 106 11.95 27.93 24.42
C GLU B 106 10.76 28.88 24.60
N ALA B 107 10.26 29.41 23.49
CA ALA B 107 9.08 30.27 23.50
C ALA B 107 7.84 29.46 23.82
N CYS B 108 7.75 28.26 23.26
CA CYS B 108 6.63 27.36 23.53
C CYS B 108 6.71 26.83 24.95
N GLN B 109 7.92 26.79 25.49
CA GLN B 109 8.13 26.32 26.85
C GLN B 109 7.50 27.27 27.87
N ARG B 110 7.73 28.56 27.68
CA ARG B 110 7.23 29.57 28.61
C ARG B 110 5.75 29.90 28.37
N GLU B 111 5.36 30.00 27.12
CA GLU B 111 4.04 30.51 26.76
C GLU B 111 2.94 29.45 26.78
N GLN B 112 3.31 28.19 26.91
CA GLN B 112 2.34 27.11 26.91
C GLN B 112 2.38 26.29 28.20
N LYS B 113 1.24 25.70 28.55
CA LYS B 113 1.14 24.87 29.74
C LYS B 113 0.89 23.42 29.36
N PHE B 114 1.62 22.50 29.98
CA PHE B 114 1.50 21.08 29.68
C PHE B 114 1.21 20.25 30.92
N LYS B 115 0.64 19.07 30.72
CA LYS B 115 0.38 18.15 31.82
C LYS B 115 1.70 17.62 32.38
N VAL B 116 2.70 17.55 31.51
CA VAL B 116 4.04 17.11 31.89
C VAL B 116 4.98 18.30 32.02
N THR B 117 6.23 18.03 32.36
CA THR B 117 7.23 19.09 32.52
C THR B 117 8.06 19.25 31.24
N PHE B 118 8.08 20.44 30.68
CA PHE B 118 8.80 20.67 29.45
C PHE B 118 10.03 21.52 29.68
N GLU B 119 11.19 20.95 29.44
CA GLU B 119 12.46 21.64 29.62
C GLU B 119 13.38 21.43 28.41
N VAL B 120 13.94 22.52 27.91
CA VAL B 120 14.87 22.46 26.79
C VAL B 120 16.30 22.42 27.29
N GLN B 121 17.03 21.36 26.94
CA GLN B 121 18.38 21.16 27.44
C GLN B 121 19.39 22.10 26.80
N SER B 122 20.31 22.61 27.62
CA SER B 122 21.40 23.46 27.15
C SER B 122 22.36 22.65 26.27
N PRO B 123 23.15 23.34 25.42
CA PRO B 123 24.11 22.64 24.56
C PRO B 123 25.06 21.71 25.32
N ARG B 124 25.17 20.48 24.85
CA ARG B 124 26.04 19.48 25.44
C ARG B 124 27.25 19.27 24.54
N ARG B 125 28.40 18.93 25.12
CA ARG B 125 29.60 18.74 24.31
C ARG B 125 29.51 17.44 23.51
N GLU B 126 30.50 17.22 22.65
CA GLU B 126 30.50 16.11 21.70
C GLU B 126 29.26 16.17 20.82
N ASN B 127 28.65 17.35 20.75
CA ASN B 127 27.40 17.57 20.05
C ASN B 127 27.35 18.95 19.39
N PRO B 128 27.90 19.06 18.17
CA PRO B 128 27.98 20.34 17.44
C PRO B 128 26.65 21.11 17.43
N ARG B 129 25.54 20.43 17.21
CA ARG B 129 24.22 21.05 17.34
C ARG B 129 23.35 20.29 18.33
N ALA B 130 22.82 19.15 17.90
CA ALA B 130 22.04 18.23 18.73
C ALA B 130 21.03 18.92 19.65
N LEU B 131 19.99 19.50 19.05
CA LEU B 131 18.92 20.11 19.84
C LEU B 131 18.04 19.03 20.46
N SER B 132 17.80 19.14 21.76
CA SER B 132 17.01 18.15 22.47
C SER B 132 16.26 18.75 23.65
N PHE B 133 15.08 18.19 23.95
CA PHE B 133 14.30 18.62 25.10
C PHE B 133 13.77 17.40 25.86
N VAL B 134 13.66 17.54 27.17
CA VAL B 134 13.24 16.43 28.02
C VAL B 134 11.82 16.60 28.55
N LEU B 135 10.96 15.63 28.26
CA LEU B 135 9.61 15.60 28.82
C LEU B 135 9.56 14.59 29.95
N SER B 136 9.12 15.02 31.13
CA SER B 136 9.09 14.15 32.29
C SER B 136 7.82 14.30 33.11
N SER B 137 7.16 13.18 33.40
CA SER B 137 6.02 13.16 34.29
C SER B 137 6.50 12.82 35.70
N PRO B 138 6.47 13.81 36.61
CA PRO B 138 7.00 13.65 37.97
C PRO B 138 6.21 12.64 38.79
N GLN B 139 4.93 12.44 38.44
CA GLN B 139 4.09 11.48 39.14
C GLN B 139 4.47 10.04 38.78
N LEU B 140 4.65 9.79 37.49
CA LEU B 140 4.96 8.45 37.00
C LEU B 140 6.46 8.22 36.88
N GLN B 141 7.24 9.25 37.18
CA GLN B 141 8.72 9.19 37.15
C GLN B 141 9.28 8.99 35.74
N GLN B 142 8.39 8.81 34.76
CA GLN B 142 8.78 8.59 33.38
C GLN B 142 9.53 9.78 32.80
N GLU B 143 10.50 9.50 31.93
CA GLU B 143 11.29 10.56 31.32
C GLU B 143 11.62 10.24 29.87
N VAL B 144 11.44 11.22 28.99
CA VAL B 144 11.74 11.06 27.57
C VAL B 144 12.42 12.30 26.99
N GLU B 145 13.53 12.09 26.31
CA GLU B 145 14.25 13.18 25.65
C GLU B 145 14.18 13.05 24.14
N PHE B 146 13.54 14.01 23.49
CA PHE B 146 13.44 14.02 22.03
C PHE B 146 14.60 14.78 21.40
N ASP B 147 15.38 14.10 20.57
CA ASP B 147 16.44 14.75 19.82
C ASP B 147 15.86 15.31 18.53
N VAL B 148 15.92 16.64 18.38
CA VAL B 148 15.32 17.29 17.22
C VAL B 148 16.15 17.05 15.96
N LEU B 149 15.49 16.56 14.93
CA LEU B 149 16.16 16.24 13.66
C LEU B 149 15.46 16.92 12.48
N PRO B 150 15.90 18.14 12.15
CA PRO B 150 15.36 18.88 11.00
C PRO B 150 15.60 18.15 9.69
N ALA B 151 14.54 18.00 8.89
CA ALA B 151 14.66 17.30 7.61
C ALA B 151 13.70 17.89 6.57
N PHE B 152 14.14 17.93 5.32
CA PHE B 152 13.30 18.36 4.22
C PHE B 152 12.15 17.37 4.04
N ASP B 153 10.96 17.88 3.72
CA ASP B 153 9.82 17.01 3.53
C ASP B 153 9.69 16.65 2.04
N ALA B 154 10.00 15.41 1.73
CA ALA B 154 9.96 14.93 0.35
C ALA B 154 8.54 14.51 -0.04
N LEU B 155 7.84 13.88 0.88
CA LEU B 155 6.52 13.32 0.62
C LEU B 155 5.45 14.41 0.49
N GLY B 156 5.71 15.58 1.05
CA GLY B 156 4.72 16.63 1.09
C GLY B 156 3.56 16.19 1.97
N GLN B 157 2.35 16.21 1.41
CA GLN B 157 1.19 15.67 2.10
C GLN B 157 0.98 14.22 1.68
N TRP B 158 1.20 13.31 2.61
CA TRP B 158 1.10 11.89 2.32
C TRP B 158 0.20 11.17 3.33
N THR B 159 -0.67 10.31 2.82
CA THR B 159 -1.55 9.51 3.65
C THR B 159 -1.30 8.03 3.39
N PRO B 160 -1.41 7.20 4.44
CA PRO B 160 -1.20 5.75 4.33
C PRO B 160 -2.11 5.09 3.29
N GLY B 161 -1.55 4.16 2.53
CA GLY B 161 -2.30 3.46 1.50
C GLY B 161 -1.92 3.94 0.10
N TYR B 162 -1.10 4.98 0.04
CA TYR B 162 -0.68 5.55 -1.24
C TYR B 162 0.82 5.44 -1.43
N LYS B 163 1.22 4.79 -2.52
CA LYS B 163 2.65 4.67 -2.85
C LYS B 163 3.21 6.03 -3.28
N PRO B 164 4.31 6.44 -2.63
CA PRO B 164 4.95 7.74 -2.91
C PRO B 164 5.34 7.89 -4.37
N ASN B 165 5.36 9.14 -4.85
CA ASN B 165 5.77 9.43 -6.21
C ASN B 165 7.20 8.93 -6.46
N PRO B 166 7.37 8.04 -7.44
CA PRO B 166 8.69 7.48 -7.78
C PRO B 166 9.72 8.55 -8.09
N GLU B 167 9.27 9.70 -8.59
CA GLU B 167 10.16 10.82 -8.90
C GLU B 167 10.86 11.33 -7.64
N ILE B 168 10.20 11.21 -6.51
CA ILE B 168 10.79 11.59 -5.22
C ILE B 168 12.04 10.76 -4.95
N TYR B 169 11.94 9.45 -5.15
CA TYR B 169 13.05 8.55 -4.95
C TYR B 169 14.10 8.72 -6.04
N VAL B 170 13.65 9.04 -7.25
CA VAL B 170 14.56 9.29 -8.37
C VAL B 170 15.47 10.47 -8.06
N GLN B 171 14.89 11.56 -7.59
CA GLN B 171 15.65 12.74 -7.19
C GLN B 171 16.57 12.42 -6.01
N LEU B 172 16.13 11.49 -5.18
CA LEU B 172 16.91 11.06 -4.02
C LEU B 172 18.18 10.32 -4.46
N ILE B 173 17.99 9.31 -5.30
CA ILE B 173 19.10 8.47 -5.76
C ILE B 173 20.11 9.28 -6.57
N LYS B 174 19.62 10.17 -7.43
CA LYS B 174 20.49 11.00 -8.25
C LYS B 174 21.38 11.90 -7.40
N GLU B 175 20.82 12.44 -6.32
CA GLU B 175 21.57 13.32 -5.43
C GLU B 175 22.46 12.52 -4.49
N CYS B 176 22.00 11.31 -4.13
CA CYS B 176 22.77 10.44 -3.25
C CYS B 176 24.00 9.87 -3.96
N LYS B 177 23.83 9.52 -5.23
CA LYS B 177 24.92 8.95 -6.02
C LYS B 177 25.92 10.03 -6.44
N SER B 178 25.44 11.25 -6.59
CA SER B 178 26.27 12.37 -7.02
C SER B 178 27.32 12.73 -5.96
N ARG B 179 26.88 12.96 -4.74
CA ARG B 179 27.77 13.40 -3.67
C ARG B 179 28.29 12.25 -2.81
N GLY B 180 27.88 11.03 -3.15
CA GLY B 180 28.32 9.86 -2.42
C GLY B 180 27.77 9.79 -1.01
N LYS B 181 26.62 10.41 -0.80
CA LYS B 181 25.94 10.35 0.50
C LYS B 181 24.81 9.33 0.43
N GLU B 182 24.97 8.22 1.13
CA GLU B 182 24.04 7.11 1.01
C GLU B 182 23.31 6.82 2.33
N GLY B 183 22.00 7.04 2.33
CA GLY B 183 21.16 6.71 3.47
C GLY B 183 21.18 7.73 4.59
N GLU B 184 21.72 8.91 4.30
CA GLU B 184 21.78 9.99 5.30
C GLU B 184 20.49 10.80 5.31
N PHE B 185 19.67 10.64 4.28
CA PHE B 185 18.44 11.40 4.13
C PHE B 185 17.21 10.63 4.63
N SER B 186 17.45 9.48 5.26
CA SER B 186 16.38 8.59 5.71
C SER B 186 15.35 9.27 6.63
N THR B 187 15.78 10.34 7.31
CA THR B 187 14.90 11.03 8.26
C THR B 187 13.70 11.69 7.59
N CYS B 188 13.84 11.99 6.30
CA CYS B 188 12.75 12.60 5.53
C CYS B 188 11.60 11.63 5.35
N PHE B 189 11.93 10.34 5.33
CA PHE B 189 10.97 9.29 5.06
C PHE B 189 10.41 8.65 6.35
N THR B 190 10.75 9.25 7.49
CA THR B 190 10.36 8.72 8.81
C THR B 190 8.86 8.45 8.93
N GLU B 191 8.06 9.19 8.18
CA GLU B 191 6.61 8.95 8.14
C GLU B 191 6.30 7.55 7.65
N LEU B 192 7.10 7.07 6.70
CA LEU B 192 6.91 5.75 6.11
C LEU B 192 7.42 4.64 7.04
N GLN B 193 8.49 4.96 7.77
CA GLN B 193 9.11 3.99 8.68
C GLN B 193 8.15 3.58 9.80
N ARG B 194 7.46 4.57 10.38
CA ARG B 194 6.49 4.30 11.43
C ARG B 194 5.24 3.64 10.85
N ASP B 195 4.91 3.98 9.62
CA ASP B 195 3.77 3.38 8.93
C ASP B 195 4.00 1.90 8.71
N PHE B 196 5.27 1.53 8.58
CA PHE B 196 5.65 0.15 8.31
C PHE B 196 5.50 -0.72 9.57
N LEU B 197 5.77 -0.13 10.73
CA LEU B 197 5.78 -0.89 11.98
C LEU B 197 4.45 -0.89 12.74
N ARG B 198 3.50 -0.06 12.36
CA ARG B 198 2.23 0.01 13.05
C ARG B 198 1.13 -0.74 12.34
N ASN B 199 1.46 -1.43 11.28
CA ASN B 199 0.50 -2.26 10.55
C ASN B 199 0.55 -3.72 10.98
N ARG B 200 1.43 -4.02 11.93
CA ARG B 200 1.62 -5.39 12.38
C ARG B 200 0.66 -5.73 13.51
N PRO B 201 0.33 -7.03 13.66
CA PRO B 201 -0.54 -7.48 14.76
C PRO B 201 0.04 -7.16 16.13
N THR B 202 -0.82 -7.10 17.14
CA THR B 202 -0.40 -6.74 18.50
C THR B 202 0.63 -7.71 19.06
N LYS B 203 0.54 -8.98 18.63
CA LYS B 203 1.49 -9.99 19.07
C LYS B 203 2.89 -9.72 18.54
N LEU B 204 2.97 -9.37 17.26
CA LEU B 204 4.25 -9.08 16.63
C LEU B 204 4.88 -7.82 17.20
N LYS B 205 4.04 -6.82 17.48
CA LYS B 205 4.51 -5.58 18.08
C LYS B 205 5.17 -5.84 19.43
N SER B 206 4.57 -6.72 20.22
CA SER B 206 5.11 -7.09 21.52
C SER B 206 6.44 -7.84 21.36
N LEU B 207 6.54 -8.63 20.30
CA LEU B 207 7.75 -9.38 20.01
C LEU B 207 8.90 -8.42 19.68
N ILE B 208 8.59 -7.38 18.93
CA ILE B 208 9.57 -6.36 18.58
C ILE B 208 10.11 -5.67 19.83
N ARG B 209 9.21 -5.40 20.78
CA ARG B 209 9.59 -4.79 22.04
C ARG B 209 10.58 -5.66 22.81
N LEU B 210 10.45 -6.97 22.66
CA LEU B 210 11.36 -7.91 23.30
C LEU B 210 12.73 -7.85 22.64
N VAL B 211 12.75 -7.70 21.32
CA VAL B 211 13.98 -7.58 20.57
C VAL B 211 14.65 -6.23 20.86
N LYS B 212 13.83 -5.20 21.04
CA LYS B 212 14.32 -3.86 21.37
C LYS B 212 15.02 -3.85 22.72
N HIS B 213 14.39 -4.45 23.73
CA HIS B 213 14.97 -4.51 25.07
C HIS B 213 16.23 -5.36 25.08
N TRP B 214 16.23 -6.43 24.30
CA TRP B 214 17.38 -7.31 24.18
C TRP B 214 18.56 -6.55 23.59
N TYR B 215 18.27 -5.65 22.64
CA TYR B 215 19.31 -4.84 22.00
C TYR B 215 19.95 -3.89 23.00
N GLN B 216 19.15 -3.33 23.90
CA GLN B 216 19.65 -2.41 24.91
C GLN B 216 20.51 -3.14 25.93
N THR B 217 20.17 -4.39 26.18
CA THR B 217 20.95 -5.23 27.09
C THR B 217 22.34 -5.45 26.52
N CYS B 218 22.42 -5.60 25.20
CA CYS B 218 23.69 -5.75 24.51
C CYS B 218 24.39 -4.41 24.36
N LYS B 219 23.58 -3.36 24.39
CA LYS B 219 24.12 -2.03 24.20
C LYS B 219 24.96 -1.69 25.41
N LYS B 220 24.34 -1.80 26.57
CA LYS B 220 24.96 -1.37 27.81
C LYS B 220 26.16 -2.24 28.16
N THR B 221 26.33 -3.32 27.40
CA THR B 221 27.44 -4.25 27.61
C THR B 221 28.56 -4.03 26.61
N HIS B 222 28.16 -4.07 25.34
CA HIS B 222 29.00 -3.84 24.18
C HIS B 222 29.06 -2.41 23.69
N GLY B 223 28.33 -1.52 24.35
CA GLY B 223 28.51 -0.08 24.21
C GLY B 223 28.44 0.65 22.88
N ASN B 224 27.48 0.31 22.03
CA ASN B 224 27.20 1.09 20.83
C ASN B 224 28.07 0.78 19.63
N LYS B 225 29.03 -0.11 19.79
CA LYS B 225 29.75 -0.58 18.63
C LYS B 225 28.81 -1.35 17.72
N LEU B 226 27.87 -2.08 18.33
CA LEU B 226 26.93 -2.91 17.59
C LEU B 226 26.16 -2.12 16.56
N PRO B 227 25.60 -2.81 15.57
CA PRO B 227 24.81 -2.16 14.52
C PRO B 227 23.57 -1.47 15.07
N PRO B 228 23.00 -0.50 14.32
CA PRO B 228 21.83 0.26 14.75
C PRO B 228 20.63 -0.61 15.11
N GLN B 229 19.79 -0.11 16.01
CA GLN B 229 18.63 -0.85 16.51
C GLN B 229 17.59 -1.10 15.42
N TYR B 230 17.48 -0.16 14.49
CA TYR B 230 16.47 -0.24 13.43
C TYR B 230 16.64 -1.48 12.55
N ALA B 231 17.85 -2.04 12.55
CA ALA B 231 18.12 -3.26 11.80
C ALA B 231 17.38 -4.45 12.41
N LEU B 232 17.39 -4.53 13.73
CA LEU B 232 16.76 -5.64 14.45
C LEU B 232 15.25 -5.58 14.34
N GLU B 233 14.70 -4.37 14.27
CA GLU B 233 13.27 -4.20 14.13
C GLU B 233 12.77 -4.74 12.80
N LEU B 234 13.49 -4.38 11.72
CA LEU B 234 13.16 -4.87 10.39
C LEU B 234 13.40 -6.37 10.30
N LEU B 235 14.44 -6.85 10.98
CA LEU B 235 14.78 -8.26 11.00
C LEU B 235 13.68 -9.08 11.67
N THR B 236 13.06 -8.50 12.69
CA THR B 236 11.96 -9.14 13.40
C THR B 236 10.74 -9.24 12.50
N VAL B 237 10.48 -8.18 11.74
CA VAL B 237 9.38 -8.17 10.78
C VAL B 237 9.62 -9.20 9.68
N TYR B 238 10.87 -9.31 9.26
CA TYR B 238 11.26 -10.27 8.24
C TYR B 238 11.05 -11.70 8.71
N ALA B 239 11.26 -11.93 10.00
CA ALA B 239 11.12 -13.26 10.58
C ALA B 239 9.66 -13.69 10.60
N TRP B 240 8.75 -12.74 10.78
CA TRP B 240 7.33 -13.03 10.85
C TRP B 240 6.73 -13.26 9.45
N GLU B 241 7.30 -12.59 8.46
CA GLU B 241 6.81 -12.71 7.08
C GLU B 241 7.26 -14.01 6.42
N GLN B 242 8.51 -14.38 6.67
CA GLN B 242 9.04 -15.62 6.13
C GLN B 242 8.73 -16.79 7.06
N GLY B 243 8.20 -16.44 8.23
CA GLY B 243 7.85 -17.43 9.25
C GLY B 243 6.40 -17.86 9.19
N SER B 244 5.84 -18.12 10.36
CA SER B 244 4.47 -18.61 10.50
C SER B 244 3.42 -17.75 9.79
N ARG B 245 3.64 -16.44 9.75
CA ARG B 245 2.69 -15.49 9.17
C ARG B 245 1.34 -15.58 9.85
N LYS B 246 1.36 -15.76 11.18
CA LYS B 246 0.14 -15.90 11.94
C LYS B 246 -0.04 -14.73 12.91
N THR B 247 -1.28 -14.45 13.29
CA THR B 247 -1.58 -13.38 14.24
C THR B 247 -1.28 -13.84 15.66
N ASP B 248 -1.39 -15.14 15.89
CA ASP B 248 -1.09 -15.72 17.20
C ASP B 248 0.02 -16.76 17.09
N PHE B 249 1.06 -16.59 17.89
CA PHE B 249 2.22 -17.48 17.86
C PHE B 249 2.96 -17.51 19.18
N SER B 250 4.11 -18.16 19.18
CA SER B 250 4.95 -18.24 20.38
C SER B 250 6.01 -17.15 20.36
N THR B 251 6.11 -16.41 21.47
CA THR B 251 7.09 -15.35 21.59
C THR B 251 8.51 -15.93 21.64
N ALA B 252 8.62 -17.17 22.13
CA ALA B 252 9.91 -17.83 22.24
C ALA B 252 10.47 -18.21 20.86
N GLN B 253 9.62 -18.78 20.01
CA GLN B 253 10.03 -19.18 18.69
C GLN B 253 10.42 -17.98 17.84
N GLY B 254 9.63 -16.91 17.94
CA GLY B 254 9.90 -15.69 17.21
C GLY B 254 11.21 -15.05 17.65
N PHE B 255 11.47 -15.09 18.96
CA PHE B 255 12.70 -14.53 19.51
C PHE B 255 13.89 -15.37 19.10
N GLN B 256 13.73 -16.69 19.13
CA GLN B 256 14.80 -17.60 18.73
C GLN B 256 15.08 -17.49 17.24
N THR B 257 14.03 -17.29 16.45
CA THR B 257 14.16 -17.14 15.00
C THR B 257 15.01 -15.92 14.68
N VAL B 258 14.79 -14.82 15.39
CA VAL B 258 15.56 -13.60 15.20
C VAL B 258 17.01 -13.81 15.64
N LEU B 259 17.19 -14.48 16.76
CA LEU B 259 18.53 -14.77 17.28
C LEU B 259 19.35 -15.59 16.29
N GLU B 260 18.70 -16.59 15.69
CA GLU B 260 19.36 -17.42 14.69
C GLU B 260 19.64 -16.63 13.41
N LEU B 261 18.79 -15.65 13.13
CA LEU B 261 19.00 -14.78 11.98
C LEU B 261 20.23 -13.90 12.17
N VAL B 262 20.52 -13.57 13.42
CA VAL B 262 21.70 -12.77 13.75
C VAL B 262 22.98 -13.52 13.41
N LEU B 263 23.00 -14.82 13.72
CA LEU B 263 24.13 -15.67 13.42
C LEU B 263 24.29 -15.87 11.91
N LYS B 264 23.18 -15.74 11.20
CA LYS B 264 23.14 -15.93 9.75
C LYS B 264 23.40 -14.63 9.00
N HIS B 265 23.78 -13.58 9.74
CA HIS B 265 23.93 -12.24 9.18
C HIS B 265 24.79 -12.18 7.92
N GLN B 266 25.73 -13.12 7.80
CA GLN B 266 26.57 -13.17 6.60
C GLN B 266 25.78 -13.68 5.40
N LYS B 267 24.69 -14.40 5.66
CA LYS B 267 23.84 -14.94 4.62
C LYS B 267 22.62 -14.05 4.34
N LEU B 268 22.48 -12.96 5.09
CA LEU B 268 21.25 -12.18 5.06
C LEU B 268 21.19 -11.13 3.95
N CYS B 269 20.22 -11.29 3.06
CA CYS B 269 19.89 -10.28 2.06
C CYS B 269 18.39 -9.99 2.11
N ILE B 270 18.04 -8.78 2.53
CA ILE B 270 16.64 -8.46 2.81
C ILE B 270 16.22 -7.10 2.24
N PHE B 271 15.08 -7.08 1.56
CA PHE B 271 14.55 -5.84 1.02
C PHE B 271 13.02 -5.87 0.97
N TRP B 272 12.40 -4.69 1.01
CA TRP B 272 10.95 -4.59 0.94
C TRP B 272 10.50 -3.69 -0.20
N GLU B 273 9.50 -4.15 -0.95
CA GLU B 273 8.95 -3.42 -2.08
C GLU B 273 7.71 -2.60 -1.70
N ALA B 274 7.44 -2.51 -0.40
CA ALA B 274 6.26 -1.79 0.09
C ALA B 274 6.13 -0.37 -0.45
N TYR B 275 7.16 0.45 -0.24
CA TYR B 275 7.08 1.87 -0.62
C TYR B 275 7.72 2.21 -1.97
N TYR B 276 8.34 1.24 -2.61
CA TYR B 276 8.92 1.44 -3.95
C TYR B 276 9.06 0.11 -4.67
N ASP B 277 9.52 0.13 -5.92
CA ASP B 277 9.60 -1.10 -6.69
C ASP B 277 10.54 -1.03 -7.90
N PHE B 278 10.53 -2.10 -8.70
CA PHE B 278 11.35 -2.17 -9.90
C PHE B 278 10.62 -1.61 -11.11
N THR B 279 9.41 -1.10 -10.87
CA THR B 279 8.62 -0.49 -11.93
C THR B 279 9.35 0.70 -12.52
N ASN B 280 10.08 1.42 -11.67
CA ASN B 280 10.94 2.52 -12.11
C ASN B 280 12.37 2.02 -12.29
N PRO B 281 12.93 2.21 -13.49
CA PRO B 281 14.27 1.70 -13.85
C PRO B 281 15.38 2.30 -12.99
N VAL B 282 15.26 3.56 -12.62
CA VAL B 282 16.26 4.21 -11.77
C VAL B 282 16.28 3.58 -10.38
N VAL B 283 15.09 3.40 -9.81
CA VAL B 283 14.96 2.82 -8.48
C VAL B 283 15.42 1.37 -8.49
N GLY B 284 15.05 0.64 -9.54
CA GLY B 284 15.39 -0.76 -9.68
C GLY B 284 16.89 -1.03 -9.68
N ARG B 285 17.63 -0.19 -10.40
CA ARG B 285 19.09 -0.33 -10.46
C ARG B 285 19.72 -0.04 -9.11
N CYS B 286 19.14 0.89 -8.36
CA CYS B 286 19.65 1.25 -7.05
C CYS B 286 19.49 0.09 -6.06
N MET B 287 18.38 -0.64 -6.19
CA MET B 287 18.11 -1.76 -5.30
C MET B 287 19.13 -2.89 -5.52
N LEU B 288 19.34 -3.23 -6.79
CA LEU B 288 20.27 -4.30 -7.13
C LEU B 288 21.69 -3.99 -6.70
N GLN B 289 22.05 -2.71 -6.72
CA GLN B 289 23.36 -2.26 -6.25
C GLN B 289 23.53 -2.54 -4.77
N GLN B 290 22.47 -2.33 -4.01
CA GLN B 290 22.49 -2.52 -2.56
C GLN B 290 22.51 -4.00 -2.18
N LEU B 291 21.84 -4.82 -2.98
CA LEU B 291 21.73 -6.24 -2.69
C LEU B 291 23.04 -6.98 -3.00
N LYS B 292 23.87 -6.38 -3.84
CA LYS B 292 25.14 -6.98 -4.21
C LYS B 292 26.27 -6.50 -3.30
N LYS B 293 25.93 -5.64 -2.34
CA LYS B 293 26.89 -5.17 -1.35
C LYS B 293 27.20 -6.28 -0.35
N PRO B 294 28.35 -6.19 0.33
CA PRO B 294 28.72 -7.20 1.34
C PRO B 294 27.67 -7.33 2.44
N ARG B 295 27.34 -8.57 2.79
CA ARG B 295 26.32 -8.86 3.79
C ARG B 295 26.83 -8.51 5.20
N PRO B 296 25.90 -8.21 6.13
CA PRO B 296 24.43 -8.21 6.02
C PRO B 296 23.88 -7.05 5.19
N VAL B 297 22.86 -7.34 4.39
CA VAL B 297 22.18 -6.30 3.64
C VAL B 297 20.74 -6.15 4.12
N ILE B 298 20.47 -5.03 4.80
CA ILE B 298 19.13 -4.72 5.24
C ILE B 298 18.69 -3.40 4.62
N LEU B 299 17.73 -3.48 3.72
CA LEU B 299 17.32 -2.31 2.95
C LEU B 299 16.12 -1.62 3.59
N ASP B 300 16.31 -0.36 3.97
CA ASP B 300 15.26 0.45 4.55
C ASP B 300 14.09 0.56 3.58
N PRO B 301 12.91 0.08 4.01
CA PRO B 301 11.70 0.10 3.18
C PRO B 301 11.32 1.50 2.72
N ALA B 302 11.65 2.51 3.51
CA ALA B 302 11.38 3.89 3.15
C ALA B 302 12.56 4.55 2.43
N ASP B 303 13.74 3.91 2.49
CA ASP B 303 14.95 4.52 1.96
C ASP B 303 15.79 3.54 1.12
N PRO B 304 15.55 3.52 -0.21
CA PRO B 304 16.25 2.64 -1.15
C PRO B 304 17.76 2.74 -1.06
N THR B 305 18.28 3.93 -0.75
CA THR B 305 19.72 4.14 -0.66
C THR B 305 20.28 3.62 0.66
N GLY B 306 19.50 3.74 1.73
CA GLY B 306 19.95 3.36 3.05
C GLY B 306 20.11 1.86 3.26
N ASN B 307 21.31 1.47 3.70
CA ASN B 307 21.56 0.09 4.10
C ASN B 307 21.84 0.02 5.59
N VAL B 308 20.92 -0.57 6.34
CA VAL B 308 21.04 -0.62 7.79
C VAL B 308 22.07 -1.65 8.23
N GLY B 309 23.07 -1.20 8.99
CA GLY B 309 24.11 -2.07 9.48
C GLY B 309 25.02 -2.59 8.38
N GLY B 310 25.25 -1.76 7.36
CA GLY B 310 26.09 -2.14 6.25
C GLY B 310 27.47 -1.47 6.31
N GLY B 311 27.67 -0.64 7.32
CA GLY B 311 28.92 0.08 7.47
C GLY B 311 30.08 -0.77 7.96
N ASP B 312 29.84 -1.57 8.98
CA ASP B 312 30.89 -2.38 9.58
C ASP B 312 30.43 -3.81 9.85
N THR B 313 31.24 -4.78 9.42
CA THR B 313 30.93 -6.18 9.62
C THR B 313 31.27 -6.62 11.04
N HIS B 314 32.31 -6.03 11.60
CA HIS B 314 32.75 -6.34 12.97
C HIS B 314 31.66 -6.03 13.98
N SER B 315 30.80 -5.08 13.65
CA SER B 315 29.66 -4.73 14.49
C SER B 315 28.70 -5.91 14.61
N TRP B 316 28.40 -6.52 13.47
CA TRP B 316 27.51 -7.68 13.43
C TRP B 316 28.13 -8.90 14.10
N GLN B 317 29.43 -9.05 13.96
CA GLN B 317 30.09 -10.18 14.56
C GLN B 317 29.90 -10.08 16.04
N ARG B 318 30.02 -8.87 16.55
CA ARG B 318 29.79 -8.65 17.95
C ARG B 318 28.37 -9.01 18.26
N LEU B 319 27.47 -8.62 17.40
CA LEU B 319 26.12 -8.89 17.75
C LEU B 319 26.04 -10.37 17.86
N ALA B 320 26.60 -11.05 16.89
CA ALA B 320 26.39 -12.47 16.82
C ALA B 320 26.84 -13.09 18.12
N GLN B 321 27.97 -12.63 18.63
CA GLN B 321 28.54 -13.28 19.80
C GLN B 321 27.53 -13.36 20.94
N GLU B 322 26.87 -12.24 21.22
CA GLU B 322 25.89 -12.18 22.29
C GLU B 322 24.64 -12.97 21.92
N ALA B 323 24.39 -13.13 20.62
CA ALA B 323 23.27 -13.92 20.14
C ALA B 323 23.49 -15.39 20.43
N ARG B 324 24.74 -15.83 20.33
CA ARG B 324 25.11 -17.21 20.65
C ARG B 324 24.96 -17.48 22.14
N VAL B 325 25.32 -16.49 22.94
CA VAL B 325 25.24 -16.61 24.40
C VAL B 325 23.78 -16.68 24.86
N TRP B 326 22.93 -15.84 24.29
CA TRP B 326 21.53 -15.77 24.67
C TRP B 326 20.74 -17.01 24.24
N LEU B 327 21.32 -17.81 23.35
CA LEU B 327 20.71 -19.06 22.94
C LEU B 327 20.88 -20.13 24.02
N GLY B 328 21.76 -19.85 24.98
CA GLY B 328 21.99 -20.75 26.10
C GLY B 328 21.16 -20.37 27.31
N TYR B 329 20.53 -19.21 27.27
CA TYR B 329 19.66 -18.86 28.37
C TYR B 329 18.32 -19.58 28.31
N PRO B 330 17.69 -19.71 29.45
CA PRO B 330 16.48 -20.52 29.60
C PRO B 330 15.26 -20.01 28.83
N CYS B 331 15.30 -18.75 28.39
CA CYS B 331 14.18 -18.19 27.63
C CYS B 331 13.95 -18.94 26.33
N CYS B 332 15.01 -19.39 25.69
CA CYS B 332 14.90 -20.19 24.46
C CYS B 332 15.02 -21.69 24.72
N LYS B 333 15.27 -22.07 25.97
CA LYS B 333 15.51 -23.48 26.31
C LYS B 333 14.24 -24.20 26.74
N ASN B 334 13.13 -23.47 26.78
CA ASN B 334 11.84 -24.00 27.20
C ASN B 334 11.88 -24.70 28.56
N LEU B 335 11.12 -25.78 28.69
CA LEU B 335 11.05 -26.53 29.95
C LEU B 335 12.17 -27.56 30.10
N ASP B 336 12.43 -28.31 29.03
CA ASP B 336 13.32 -29.46 29.10
C ASP B 336 14.80 -29.09 29.00
N GLY B 337 15.07 -27.90 28.48
CA GLY B 337 16.43 -27.50 28.17
C GLY B 337 16.66 -27.63 26.68
N SER B 338 15.62 -28.10 25.98
CA SER B 338 15.66 -28.20 24.53
C SER B 338 15.02 -26.97 23.91
N LEU B 339 15.60 -26.50 22.80
CA LEU B 339 15.11 -25.30 22.14
C LEU B 339 13.67 -25.47 21.65
N VAL B 340 12.88 -24.40 21.78
CA VAL B 340 11.49 -24.42 21.33
C VAL B 340 11.44 -24.54 19.81
N GLY B 341 12.51 -24.10 19.15
CA GLY B 341 12.62 -24.17 17.71
C GLY B 341 12.28 -22.85 17.05
N ALA B 342 12.92 -22.59 15.91
CA ALA B 342 12.68 -21.37 15.16
C ALA B 342 11.56 -21.57 14.15
N TRP B 343 11.24 -20.52 13.41
CA TRP B 343 10.20 -20.59 12.38
C TRP B 343 10.77 -21.10 11.07
N THR B 344 10.12 -22.10 10.48
CA THR B 344 10.56 -22.68 9.22
C THR B 344 10.37 -21.70 8.07
N MET B 345 11.41 -21.56 7.25
CA MET B 345 11.38 -20.63 6.13
C MET B 345 10.65 -21.23 4.94
N LEU B 346 9.59 -20.57 4.49
CA LEU B 346 8.82 -21.05 3.35
C LEU B 346 9.31 -20.42 2.05
#